data_6UJC
#
_entry.id   6UJC
#
loop_
_entity.id
_entity.type
_entity.pdbx_description
1 polymer 'Integrin alpha-V'
2 polymer 'Integrin beta-8'
3 polymer 'C6-RGD3 heavy chain Fab'
4 polymer 'C6-RGD3 light chain Fab'
5 branched alpha-D-mannopyranose-(1-2)-alpha-D-mannopyranose-(1-3)-[alpha-D-mannopyranose-(1-6)]beta-D-mannopyranose-(1-4)-2-acetamido-2-deoxy-beta-D-glucopyranose-(1-4)-2-acetamido-2-deoxy-beta-D-glucopyranose
6 branched 2-acetamido-2-deoxy-beta-D-glucopyranose-(1-4)-2-acetamido-2-deoxy-beta-D-glucopyranose
7 non-polymer 'CALCIUM ION'
8 non-polymer 2-acetamido-2-deoxy-beta-D-glucopyranose
9 non-polymer 'MAGNESIUM ION'
#
loop_
_entity_poly.entity_id
_entity_poly.type
_entity_poly.pdbx_seq_one_letter_code
_entity_poly.pdbx_strand_id
1 'polypeptide(L)'
;FNLDVDSPAEYSGPEGSYFGFAVDFFVPSASSRMFLLVGAPKANTTQPGIVEGGQVLKCDWSSTRRCQPIEFDATGNRDY
AKDDPLEFKSHQWFGASVRSKQDKILACAPLYHWRTEMKQEREPVGTCFLQDGTKTVEYAPCRSQDIDADGQGFCQGGFS
IDFTKADRVLLGGPGSFYWQGQLISDQVAEIVSKYDPNVYSIKYNNQLATRTAQAIFDDSYLGYSVAVGDFNGDGIDDFV
SGVPRAARTLGMVYIYDGKNMSSLYNFTGEQMAAYFGFSVAATDINGDDYADVFIGAPLFMDRGSDGKLQEVGQVSVSLQ
RASGDFQTTKLNGFEVFARFGSAIAPLGDLDQDGFNDIAIAAPYGGEDKKGIVYIFNGRSTGLNAVPSQILEGQWAARSM
PPSFGYSMKGATDIDKNGYPDLIVGAFGVDRAILYRARPVITVNAGLEVYPSILNQDNKTCSLPGTALKVSCFNVRFCLK
ADGKGVLPRKLNFQVELLLDKLKQKGAIRRALFLYSRSPSHSKNMTISRGGLMQCEELIAYLRDESEFRDKLTPITIFME
YRLDYRTAADTTGLQPILNQFTPANISRQAHILLDCGEDNVCKPKLEVSVDSDQKKIYIGDDNPLTLIVKAQNQGEGAYE
AELIVSIPLQADFIGVVRNNEALARLSCAFKTENQTRQVVCDLGNPMKAGTQLLAGLRFSVHQQSEMDTSVKFDLQIQSS
NLFDKVSPVVSHKVDLAVLAAVEIRGVSSPDHVFLPIPNWEHKENPETEEDVGPVVQHIYELRNNGPSSFSKAMLHLQWP
YKYNNNTLLYILHYDIDGPMNCTSDMEINPLRIKISSLQTTEKNDTVAGQGERDHLITKRDLALSEGDIHTLGCGVAQCL
KIVCQVGRLDRGKSAILYVKSLLWTETFMNKENQNHSYSLKSSASFNVIEFPYKNLPIEDITNSTLVTTNVTWGIQPAPM
PVPVWVIILAVLAGLLLLAVLVFVMYRMGFFKRVRPPQEEQEREQLQPHENGEGNSET
;
A
2 'polypeptide(L)'
;EDNRCASSNAASCARCLALGPECGWCVQEDFISGGSRSERCDIVSNLISKGCSVDSIEYPSVHVIIPTENEINTQVTPGE
VSIQLRPGAEANFMLKVHPLKKYPVDLYYLVDVSASMHNNIEKLNSVGNDLSRKMAFFSRDFRLGFGSYVDKTVSPYISI
HPERIHNQCSDYNLDCMPPHGYIHVLSLTENITEFEKAVHRQKISGNIDTPEGGFDAMLQAAVCESHIGWRKEAKRLLLV
MTDQTSHLALDSKLAGIVVPNDGNCHLKNNVYVKSTTMEHPSLGQLSEKLIDNNINVIFAVQGKQFHWYKDLLPLLPGTI
AGEIESKAANLNNLVVEAYQKLISEVKVQVENQVQGIYFNITAICPDGSRKPGMEGCRNVTSNDEVLFNVTVTMKKCDVT
GGKNYAIIKPIGFNETAKIHIHRNCSCQCEDNRGPKGKCVDETFLDSKCFQCDENKCHFDEDQFSSESCKSHKDQPVCSG
RGVCVCGKCSCHKIKLGKVYGKYCEKDDFSCPYHHGNLCAGHGECEAGRCQCFSGWEGDRCQCPSAAAQHCVNSKGQVCS
GRGTCVCGRCECTDPRSIGRFCEHCPTCYTACKENWNCMQCLHPHNLSQAILDQCKTSCALMEQQHYVDQTSECFSSPSY
LRIFFIIFIVTFLIGLLKVLIIRQVILQWNSNKIKSSSDYRVSASKKDKLILQSVCTRAVTYRREKPEEIKMDISKLNAH
ETFRCNF
;
B
3 'polypeptide(L)'
;QIQLVQSGPELKKPGETVKISCKASGYTFTDYSMHWVKQAPGKGLKWVARINTETGEPTFADDFRGRFAVSLETSASTAY
LQINNLKNEDTATYFCAIFYYGRDSWGQGTTLTVSSAKTTAPSVYPLAPVCGDTTGSSVTLGCLVKGYFPEPVTLTWNSG
SLSSGVHTFPAVLQSDLYTLSSSVTVTSSTWPSQSITCNVAHPASSTKVDKK
;
E
4 'polypeptide(L)'
;DIVMTQSPSSLAVSAGEKVTMSCKSSQSLLGRGDLGRLKKNALAWYQQKPGQSPRLLIYWASTRESGVPDRFTGSGSGTD
FTLTISSVQAEDLAVYYCKQSYNLLSFGAGTKLELKAADAAPTVSIFPPSSEQLTSGGASVVCFLNNFYPKDINVKWKID
GSERQNGVLNSWTDQDSKDSTYSMSSTLTLTKDEYERHNSYTCEATHKTSTSPIVKSFNRNEC
;
F
#
# COMPACT_ATOMS: atom_id res chain seq x y z
N PHE A 1 18.30 19.92 15.99
CA PHE A 1 18.52 21.33 15.68
C PHE A 1 19.90 21.62 15.07
N ASN A 2 20.89 20.75 15.35
CA ASN A 2 22.28 20.98 14.96
C ASN A 2 22.70 20.33 13.66
N LEU A 3 21.78 19.81 12.87
CA LEU A 3 22.25 19.19 11.65
C LEU A 3 22.57 20.28 10.61
N ASP A 4 23.72 20.15 9.94
CA ASP A 4 24.08 21.11 8.90
C ASP A 4 23.36 20.77 7.62
N VAL A 5 22.41 21.61 7.27
CA VAL A 5 21.58 21.39 6.11
C VAL A 5 21.86 22.44 5.06
N ASP A 6 22.93 23.21 5.30
CA ASP A 6 23.32 24.29 4.41
C ASP A 6 24.37 23.82 3.42
N SER A 7 25.25 22.92 3.88
CA SER A 7 26.32 22.39 3.02
C SER A 7 26.45 20.86 3.06
N PRO A 8 25.43 20.11 2.64
CA PRO A 8 25.40 18.66 2.55
C PRO A 8 26.20 18.15 1.36
N ALA A 9 26.61 16.88 1.39
CA ALA A 9 27.34 16.26 0.28
C ALA A 9 26.37 15.50 -0.63
N GLU A 10 26.34 15.89 -1.90
CA GLU A 10 25.40 15.30 -2.85
C GLU A 10 26.04 14.26 -3.76
N TYR A 11 25.39 13.10 -3.82
CA TYR A 11 25.82 11.98 -4.64
C TYR A 11 24.73 11.62 -5.64
N SER A 12 25.10 11.09 -6.80
CA SER A 12 24.10 10.71 -7.78
C SER A 12 24.51 9.48 -8.58
N GLY A 13 23.51 8.80 -9.14
CA GLY A 13 23.76 7.62 -9.95
C GLY A 13 23.10 7.73 -11.31
N PRO A 14 23.08 6.64 -12.10
CA PRO A 14 22.52 6.53 -13.43
C PRO A 14 21.04 6.85 -13.44
N GLU A 15 20.59 7.54 -14.47
CA GLU A 15 19.18 7.90 -14.55
C GLU A 15 18.29 6.67 -14.63
N GLY A 16 17.25 6.66 -13.81
CA GLY A 16 16.25 5.61 -13.81
C GLY A 16 16.60 4.41 -12.94
N SER A 17 17.77 4.45 -12.30
CA SER A 17 18.20 3.32 -11.48
C SER A 17 17.59 3.36 -10.08
N TYR A 18 16.97 4.48 -9.72
CA TYR A 18 16.47 4.71 -8.37
C TYR A 18 17.64 4.74 -7.41
N PHE A 19 18.70 5.40 -7.83
CA PHE A 19 19.86 5.55 -6.99
C PHE A 19 19.44 6.31 -5.75
N GLY A 20 19.77 5.78 -4.60
CA GLY A 20 19.38 6.41 -3.34
C GLY A 20 18.15 5.75 -2.74
N PHE A 21 17.66 4.68 -3.38
CA PHE A 21 16.50 3.96 -2.89
C PHE A 21 16.73 3.47 -1.47
N ALA A 22 17.91 2.93 -1.23
CA ALA A 22 18.26 2.43 0.09
C ALA A 22 19.64 2.92 0.47
N VAL A 23 19.80 3.41 1.70
CA VAL A 23 21.07 3.93 2.14
C VAL A 23 21.53 3.39 3.50
N ASP A 24 22.83 3.20 3.63
CA ASP A 24 23.50 2.78 4.88
C ASP A 24 24.95 3.26 4.86
N PHE A 25 25.70 2.96 5.92
CA PHE A 25 27.10 3.35 5.98
C PHE A 25 28.01 2.12 6.02
N PHE A 26 29.19 2.24 5.44
CA PHE A 26 30.19 1.18 5.46
C PHE A 26 31.39 1.60 6.29
N VAL A 27 31.64 0.89 7.38
CA VAL A 27 32.68 1.30 8.29
C VAL A 27 33.57 0.13 8.71
N PRO A 28 34.58 -0.21 7.93
CA PRO A 28 35.51 -1.30 8.16
C PRO A 28 36.20 -1.08 9.49
N SER A 29 36.56 -2.16 10.17
CA SER A 29 37.20 -2.05 11.46
C SER A 29 38.55 -1.32 11.42
N ALA A 30 39.24 -1.34 10.29
CA ALA A 30 40.54 -0.66 10.23
C ALA A 30 40.86 -0.03 8.87
N SER A 31 39.93 0.75 8.33
CA SER A 31 40.20 1.43 7.06
C SER A 31 40.60 2.90 7.25
N SER A 32 40.26 3.46 8.41
CA SER A 32 40.52 4.86 8.76
C SER A 32 39.75 5.86 7.89
N ARG A 33 38.87 5.34 7.04
CA ARG A 33 38.03 6.13 6.17
C ARG A 33 36.70 5.44 6.01
N MET A 34 35.63 6.21 5.94
CA MET A 34 34.29 5.65 5.81
C MET A 34 33.72 5.86 4.42
N PHE A 35 32.86 4.93 4.03
CA PHE A 35 32.17 4.99 2.75
C PHE A 35 30.68 4.92 2.96
N LEU A 36 29.91 5.42 2.00
CA LEU A 36 28.47 5.29 2.08
C LEU A 36 28.05 4.12 1.21
N LEU A 37 26.99 3.45 1.60
CA LEU A 37 26.43 2.41 0.76
C LEU A 37 25.12 2.89 0.18
N VAL A 38 25.11 3.08 -1.12
CA VAL A 38 23.89 3.58 -1.74
C VAL A 38 23.41 2.61 -2.80
N GLY A 39 22.19 2.14 -2.64
CA GLY A 39 21.60 1.19 -3.56
C GLY A 39 21.06 1.86 -4.81
N ALA A 40 20.94 1.06 -5.87
CA ALA A 40 20.37 1.48 -7.14
C ALA A 40 19.73 0.27 -7.81
N PRO A 41 18.54 -0.15 -7.33
CA PRO A 41 17.83 -1.38 -7.64
C PRO A 41 17.49 -1.61 -9.10
N LYS A 42 17.43 -0.54 -9.89
CA LYS A 42 17.10 -0.70 -11.30
C LYS A 42 18.28 -0.38 -12.20
N ALA A 43 19.47 -0.38 -11.62
CA ALA A 43 20.67 -0.07 -12.39
C ALA A 43 20.94 -1.14 -13.46
N ASN A 44 21.47 -0.69 -14.60
CA ASN A 44 21.89 -1.57 -15.69
C ASN A 44 23.34 -2.02 -15.46
N THR A 45 23.48 -3.29 -15.10
CA THR A 45 24.72 -3.95 -14.75
C THR A 45 25.47 -4.41 -15.98
N THR A 46 26.72 -4.80 -15.80
CA THR A 46 27.55 -5.27 -16.91
C THR A 46 27.48 -6.79 -17.03
N GLN A 47 26.65 -7.39 -16.20
CA GLN A 47 26.47 -8.82 -16.18
C GLN A 47 25.89 -9.28 -17.52
N PRO A 48 26.34 -10.41 -18.05
CA PRO A 48 26.03 -10.94 -19.36
C PRO A 48 24.57 -11.37 -19.51
N GLY A 49 23.73 -10.40 -19.88
CA GLY A 49 22.32 -10.68 -20.16
C GLY A 49 21.34 -10.20 -19.11
N ILE A 50 21.79 -9.40 -18.15
CA ILE A 50 20.86 -8.94 -17.14
C ILE A 50 20.47 -7.48 -17.29
N VAL A 51 19.17 -7.25 -17.45
CA VAL A 51 18.58 -5.92 -17.61
C VAL A 51 18.02 -5.42 -16.29
N GLU A 52 18.42 -4.22 -15.90
CA GLU A 52 17.97 -3.61 -14.65
C GLU A 52 18.10 -4.58 -13.49
N GLY A 53 19.24 -5.25 -13.41
CA GLY A 53 19.52 -6.22 -12.36
C GLY A 53 19.59 -5.57 -10.99
N GLY A 54 20.09 -4.33 -10.95
CA GLY A 54 20.27 -3.61 -9.70
C GLY A 54 21.70 -3.75 -9.19
N GLN A 55 22.17 -2.74 -8.49
CA GLN A 55 23.51 -2.77 -7.94
C GLN A 55 23.61 -1.95 -6.66
N VAL A 56 24.67 -2.20 -5.91
CA VAL A 56 25.00 -1.42 -4.73
C VAL A 56 26.32 -0.75 -4.94
N LEU A 57 26.41 0.54 -4.65
CA LEU A 57 27.65 1.24 -4.88
C LEU A 57 28.29 1.73 -3.60
N LYS A 58 29.60 1.63 -3.56
CA LYS A 58 30.41 2.14 -2.47
C LYS A 58 30.84 3.56 -2.83
N CYS A 59 30.41 4.54 -2.02
CA CYS A 59 30.67 5.97 -2.29
C CYS A 59 31.70 6.51 -1.30
N ASP A 60 32.66 7.28 -1.80
CA ASP A 60 33.68 7.92 -0.95
C ASP A 60 33.14 9.22 -0.36
N TRP A 61 33.99 9.96 0.34
CA TRP A 61 33.53 11.14 1.04
C TRP A 61 34.63 12.18 1.14
N SER A 62 35.80 11.78 1.63
CA SER A 62 36.90 12.71 1.69
C SER A 62 37.35 12.94 0.26
N SER A 63 38.05 14.04 0.01
CA SER A 63 38.50 14.37 -1.35
C SER A 63 37.30 14.62 -2.28
N THR A 64 37.09 13.72 -3.24
CA THR A 64 36.00 13.88 -4.20
C THR A 64 34.75 13.13 -3.78
N ARG A 65 33.72 13.19 -4.62
CA ARG A 65 32.45 12.50 -4.36
C ARG A 65 32.08 11.60 -5.52
N ARG A 66 32.55 10.36 -5.46
CA ARG A 66 32.35 9.38 -6.53
C ARG A 66 31.92 8.02 -5.96
N CYS A 67 31.03 7.32 -6.71
CA CYS A 67 30.50 6.01 -6.33
C CYS A 67 30.93 4.95 -7.36
N GLN A 68 31.24 3.73 -6.88
CA GLN A 68 31.60 2.58 -7.72
C GLN A 68 30.89 1.32 -7.23
N PRO A 69 30.44 0.45 -8.13
CA PRO A 69 29.69 -0.75 -7.84
C PRO A 69 30.52 -1.78 -7.11
N ILE A 70 29.85 -2.55 -6.27
CA ILE A 70 30.46 -3.66 -5.56
C ILE A 70 30.13 -4.95 -6.29
N GLU A 71 31.14 -5.71 -6.66
CA GLU A 71 30.91 -6.91 -7.45
C GLU A 71 30.47 -8.09 -6.60
N PHE A 72 29.24 -8.03 -6.13
CA PHE A 72 28.66 -9.12 -5.34
C PHE A 72 28.38 -10.29 -6.26
N ASP A 73 27.99 -9.96 -7.49
CA ASP A 73 27.64 -10.92 -8.51
C ASP A 73 28.12 -10.40 -9.86
N ALA A 74 29.07 -11.08 -10.47
CA ALA A 74 29.64 -10.63 -11.73
C ALA A 74 29.34 -11.59 -12.87
N THR A 75 28.30 -12.41 -12.72
CA THR A 75 27.94 -13.36 -13.77
C THR A 75 26.48 -13.22 -14.18
N GLY A 76 26.05 -14.07 -15.10
CA GLY A 76 24.68 -14.02 -15.60
C GLY A 76 23.81 -15.10 -14.96
N ASN A 77 22.82 -15.58 -15.70
CA ASN A 77 21.93 -16.59 -15.17
C ASN A 77 22.54 -17.96 -15.36
N ARG A 78 22.63 -18.75 -14.29
CA ARG A 78 23.14 -20.10 -14.39
C ARG A 78 22.11 -21.01 -15.05
N ASP A 79 22.59 -22.03 -15.75
CA ASP A 79 21.71 -23.00 -16.37
C ASP A 79 21.38 -24.13 -15.42
N TYR A 80 20.18 -24.69 -15.56
CA TYR A 80 19.79 -25.88 -14.81
C TYR A 80 20.03 -27.10 -15.67
N ALA A 81 19.65 -26.96 -16.93
CA ALA A 81 19.79 -27.99 -17.94
C ALA A 81 20.07 -27.31 -19.25
N LYS A 82 20.56 -28.03 -20.24
CA LYS A 82 20.87 -27.39 -21.50
C LYS A 82 19.66 -26.61 -21.98
N ASP A 83 19.89 -25.34 -22.30
CA ASP A 83 18.87 -24.42 -22.79
C ASP A 83 17.67 -24.33 -21.85
N ASP A 84 17.93 -24.37 -20.54
CA ASP A 84 16.89 -24.27 -19.53
C ASP A 84 17.45 -23.54 -18.29
N PRO A 85 17.28 -22.21 -18.22
CA PRO A 85 17.78 -21.33 -17.18
C PRO A 85 17.29 -21.73 -15.80
N LEU A 86 18.20 -21.69 -14.82
CA LEU A 86 17.89 -22.01 -13.44
C LEU A 86 17.24 -20.85 -12.73
N GLU A 87 17.73 -19.67 -13.05
CA GLU A 87 17.39 -18.47 -12.32
C GLU A 87 17.18 -17.27 -13.23
N PHE A 88 16.42 -16.31 -12.74
CA PHE A 88 16.14 -15.11 -13.49
C PHE A 88 16.50 -13.88 -12.69
N LYS A 89 17.64 -13.28 -13.01
CA LYS A 89 18.13 -12.11 -12.28
C LYS A 89 17.63 -10.81 -12.89
N SER A 90 16.93 -10.92 -14.01
CA SER A 90 16.40 -9.74 -14.68
C SER A 90 15.42 -9.06 -13.73
N HIS A 91 15.53 -7.76 -13.60
CA HIS A 91 14.63 -7.01 -12.73
C HIS A 91 14.52 -7.60 -11.31
N GLN A 92 15.63 -8.09 -10.76
CA GLN A 92 15.60 -8.69 -9.43
C GLN A 92 15.59 -7.65 -8.30
N TRP A 93 15.84 -6.39 -8.64
CA TRP A 93 15.90 -5.32 -7.64
C TRP A 93 17.01 -5.51 -6.63
N PHE A 94 18.19 -5.88 -7.09
CA PHE A 94 19.31 -6.02 -6.19
C PHE A 94 19.75 -4.66 -5.71
N GLY A 95 19.85 -4.51 -4.41
CA GLY A 95 20.21 -3.24 -3.82
C GLY A 95 18.98 -2.55 -3.24
N ALA A 96 17.82 -3.20 -3.36
CA ALA A 96 16.58 -2.67 -2.80
C ALA A 96 16.69 -2.52 -1.30
N SER A 97 17.42 -3.40 -0.66
CA SER A 97 17.61 -3.30 0.77
C SER A 97 19.05 -3.65 1.12
N VAL A 98 19.74 -2.69 1.73
CA VAL A 98 21.14 -2.84 2.07
C VAL A 98 21.39 -2.49 3.53
N ARG A 99 22.11 -3.36 4.22
CA ARG A 99 22.52 -3.10 5.60
C ARG A 99 23.97 -3.50 5.80
N SER A 100 24.68 -2.78 6.66
CA SER A 100 26.05 -3.18 6.95
C SER A 100 26.45 -3.05 8.41
N LYS A 101 27.16 -4.08 8.89
CA LYS A 101 27.69 -4.13 10.23
C LYS A 101 29.22 -4.08 10.18
N GLN A 102 29.77 -2.88 10.30
CA GLN A 102 31.19 -2.64 10.12
C GLN A 102 31.65 -3.08 8.73
N ASP A 103 32.31 -4.24 8.68
CA ASP A 103 32.85 -4.81 7.45
C ASP A 103 31.83 -5.65 6.66
N LYS A 104 30.82 -6.16 7.35
CA LYS A 104 29.88 -7.08 6.72
C LYS A 104 28.79 -6.37 5.95
N ILE A 105 28.68 -6.62 4.65
CA ILE A 105 27.64 -5.97 3.86
C ILE A 105 26.62 -6.98 3.39
N LEU A 106 25.36 -6.75 3.74
CA LEU A 106 24.29 -7.61 3.29
C LEU A 106 23.39 -6.84 2.32
N ALA A 107 23.38 -7.28 1.08
CA ALA A 107 22.59 -6.61 0.05
C ALA A 107 21.64 -7.62 -0.59
N CYS A 108 20.35 -7.29 -0.67
CA CYS A 108 19.32 -8.23 -1.13
C CYS A 108 18.64 -7.81 -2.43
N ALA A 109 18.06 -8.82 -3.12
CA ALA A 109 17.30 -8.75 -4.38
C ALA A 109 15.95 -9.47 -4.24
N PRO A 110 14.95 -8.82 -3.65
CA PRO A 110 13.65 -9.35 -3.27
C PRO A 110 12.80 -9.86 -4.44
N LEU A 111 13.12 -9.47 -5.67
CA LEU A 111 12.30 -9.91 -6.79
C LEU A 111 12.98 -10.99 -7.62
N TYR A 112 14.04 -11.59 -7.10
CA TYR A 112 14.72 -12.67 -7.79
C TYR A 112 13.82 -13.88 -7.99
N HIS A 113 13.81 -14.46 -9.20
CA HIS A 113 12.98 -15.64 -9.44
C HIS A 113 13.82 -16.87 -9.77
N TRP A 114 13.27 -18.06 -9.54
CA TRP A 114 13.95 -19.28 -10.00
C TRP A 114 12.95 -20.37 -10.36
N ARG A 115 13.44 -21.41 -11.05
CA ARG A 115 12.53 -22.43 -11.56
C ARG A 115 12.12 -23.55 -10.61
N THR A 116 12.95 -23.83 -9.60
CA THR A 116 12.85 -24.98 -8.67
C THR A 116 13.14 -26.24 -9.49
N GLU A 117 13.64 -27.28 -8.85
CA GLU A 117 14.05 -28.47 -9.60
C GLU A 117 12.90 -29.26 -10.21
N MET A 118 11.78 -29.35 -9.49
CA MET A 118 10.67 -30.23 -9.85
C MET A 118 10.04 -29.97 -11.23
N LYS A 119 9.75 -28.72 -11.54
CA LYS A 119 9.11 -28.38 -12.80
C LYS A 119 9.42 -26.93 -13.15
N GLN A 120 9.26 -26.55 -14.41
CA GLN A 120 9.52 -25.16 -14.75
C GLN A 120 8.43 -24.23 -14.23
N GLU A 121 8.86 -23.13 -13.63
CA GLU A 121 7.98 -22.08 -13.13
C GLU A 121 8.87 -20.85 -12.86
N ARG A 122 8.30 -19.75 -12.42
CA ARG A 122 9.11 -18.59 -12.04
C ARG A 122 8.72 -18.05 -10.68
N GLU A 123 9.28 -18.63 -9.63
CA GLU A 123 8.92 -18.28 -8.27
C GLU A 123 9.79 -17.15 -7.71
N PRO A 124 9.19 -16.06 -7.20
CA PRO A 124 9.85 -14.89 -6.64
C PRO A 124 10.33 -15.18 -5.24
N VAL A 125 11.32 -16.04 -5.15
CA VAL A 125 11.81 -16.51 -3.87
C VAL A 125 12.66 -15.47 -3.15
N GLY A 126 13.44 -14.69 -3.88
CA GLY A 126 14.31 -13.68 -3.29
C GLY A 126 15.66 -14.23 -2.84
N THR A 127 16.73 -13.48 -3.08
CA THR A 127 18.07 -13.87 -2.62
C THR A 127 18.83 -12.67 -2.05
N CYS A 128 19.88 -12.94 -1.25
CA CYS A 128 20.79 -11.93 -0.71
C CYS A 128 22.26 -12.32 -0.94
N PHE A 129 23.13 -11.31 -1.05
CA PHE A 129 24.58 -11.48 -1.15
C PHE A 129 25.26 -10.90 0.07
N LEU A 130 26.00 -11.76 0.77
CA LEU A 130 26.68 -11.35 1.99
C LEU A 130 28.19 -11.32 1.78
N GLN A 131 28.75 -10.13 1.96
CA GLN A 131 30.19 -9.95 1.76
C GLN A 131 30.92 -9.63 3.05
N ASP A 132 32.00 -10.35 3.29
CA ASP A 132 32.87 -10.11 4.44
C ASP A 132 34.28 -10.52 4.09
N GLY A 133 35.25 -9.91 4.74
CA GLY A 133 36.63 -10.26 4.45
C GLY A 133 36.86 -10.03 2.96
N THR A 134 37.32 -11.08 2.29
CA THR A 134 37.60 -11.05 0.87
C THR A 134 36.74 -12.06 0.12
N LYS A 135 35.66 -12.51 0.77
CA LYS A 135 34.80 -13.53 0.20
C LYS A 135 33.33 -13.10 0.19
N THR A 136 32.61 -13.47 -0.87
CA THR A 136 31.19 -13.19 -0.97
C THR A 136 30.42 -14.46 -1.24
N VAL A 137 29.33 -14.65 -0.50
CA VAL A 137 28.51 -15.82 -0.68
C VAL A 137 27.06 -15.46 -0.93
N GLU A 138 26.34 -16.38 -1.55
CA GLU A 138 24.92 -16.20 -1.79
C GLU A 138 24.12 -16.85 -0.66
N TYR A 139 23.19 -16.09 -0.10
CA TYR A 139 22.33 -16.58 0.95
C TYR A 139 20.88 -16.53 0.49
N ALA A 140 20.21 -17.65 0.52
CA ALA A 140 18.86 -17.72 0.02
C ALA A 140 18.04 -18.71 0.82
N PRO A 141 17.66 -18.39 2.05
CA PRO A 141 17.04 -19.30 3.01
C PRO A 141 15.67 -19.85 2.56
N CYS A 142 14.97 -19.14 1.65
CA CYS A 142 13.67 -19.57 1.12
C CYS A 142 13.81 -20.38 -0.18
N ARG A 143 15.03 -20.50 -0.75
CA ARG A 143 15.24 -21.24 -2.00
C ARG A 143 15.46 -22.69 -1.68
N SER A 144 14.38 -23.35 -1.31
CA SER A 144 14.42 -24.72 -0.83
C SER A 144 13.37 -25.56 -1.52
N GLN A 145 13.15 -26.75 -0.98
CA GLN A 145 12.21 -27.70 -1.58
C GLN A 145 10.79 -27.46 -1.09
N ASP A 146 10.63 -26.52 -0.18
CA ASP A 146 9.31 -26.15 0.28
C ASP A 146 8.81 -25.06 -0.66
N ILE A 147 8.23 -25.48 -1.77
CA ILE A 147 7.93 -24.55 -2.87
C ILE A 147 6.45 -24.31 -3.08
N ASP A 148 6.13 -23.43 -4.03
CA ASP A 148 4.77 -23.01 -4.32
C ASP A 148 4.25 -22.03 -3.24
N ALA A 149 3.02 -21.58 -3.39
CA ALA A 149 2.40 -20.60 -2.53
C ALA A 149 2.22 -21.09 -1.10
N ASP A 150 2.04 -22.39 -0.90
CA ASP A 150 1.85 -22.90 0.46
C ASP A 150 3.19 -23.21 1.11
N GLY A 151 4.26 -22.88 0.42
CA GLY A 151 5.62 -23.06 0.90
C GLY A 151 6.30 -21.70 0.92
N GLN A 152 7.57 -21.68 0.57
CA GLN A 152 8.37 -20.48 0.57
C GLN A 152 8.60 -19.96 -0.84
N GLY A 153 7.90 -20.52 -1.82
CA GLY A 153 8.13 -20.19 -3.21
C GLY A 153 7.96 -18.71 -3.49
N PHE A 154 7.01 -18.10 -2.82
CA PHE A 154 6.74 -16.68 -3.01
C PHE A 154 7.24 -15.79 -1.87
N CYS A 155 8.19 -16.31 -1.08
CA CYS A 155 8.82 -15.67 0.09
C CYS A 155 9.29 -14.23 -0.12
N GLN A 156 10.02 -13.96 -1.23
CA GLN A 156 10.72 -12.69 -1.45
C GLN A 156 11.67 -12.39 -0.30
N GLY A 157 12.49 -13.38 0.03
CA GLY A 157 13.39 -13.24 1.15
C GLY A 157 14.33 -12.11 0.86
N GLY A 158 14.69 -11.38 1.90
CA GLY A 158 15.57 -10.24 1.72
C GLY A 158 14.79 -8.96 1.51
N PHE A 159 13.46 -9.06 1.48
CA PHE A 159 12.62 -7.88 1.29
C PHE A 159 12.99 -6.83 2.34
N SER A 160 13.12 -7.25 3.58
CA SER A 160 13.57 -6.34 4.63
C SER A 160 14.59 -7.02 5.54
N ILE A 161 15.73 -6.36 5.73
CA ILE A 161 16.79 -6.95 6.53
C ILE A 161 17.33 -6.06 7.63
N ASP A 162 17.95 -6.70 8.61
CA ASP A 162 18.72 -6.02 9.64
C ASP A 162 19.78 -6.96 10.19
N PHE A 163 20.62 -6.45 11.10
CA PHE A 163 21.64 -7.25 11.76
C PHE A 163 21.42 -7.31 13.25
N THR A 164 21.77 -8.45 13.81
CA THR A 164 21.70 -8.70 15.24
C THR A 164 23.12 -8.57 15.80
N LYS A 165 23.27 -7.96 16.98
CA LYS A 165 24.61 -7.74 17.56
C LYS A 165 25.37 -9.04 17.82
N ALA A 166 24.67 -10.15 17.73
CA ALA A 166 25.18 -11.50 17.92
C ALA A 166 25.80 -12.04 16.63
N ASP A 167 25.90 -11.19 15.61
CA ASP A 167 26.42 -11.57 14.29
C ASP A 167 25.51 -12.55 13.60
N ARG A 168 24.23 -12.17 13.55
CA ARG A 168 23.20 -12.92 12.86
C ARG A 168 22.49 -11.99 11.89
N VAL A 169 21.90 -12.55 10.87
CA VAL A 169 21.17 -11.74 9.91
C VAL A 169 19.69 -12.06 10.01
N LEU A 170 18.88 -11.01 10.09
CA LEU A 170 17.43 -11.17 10.16
C LEU A 170 16.78 -10.80 8.85
N LEU A 171 16.16 -11.78 8.20
CA LEU A 171 15.50 -11.56 6.93
C LEU A 171 13.99 -11.69 7.01
N GLY A 172 13.30 -10.66 6.57
CA GLY A 172 11.86 -10.70 6.48
C GLY A 172 11.46 -11.14 5.07
N GLY A 173 10.60 -12.16 5.00
CA GLY A 173 10.10 -12.71 3.75
C GLY A 173 8.57 -12.76 3.79
N PRO A 174 7.91 -11.64 3.49
CA PRO A 174 6.49 -11.41 3.67
C PRO A 174 5.59 -12.27 2.81
N GLY A 175 6.14 -12.91 1.80
CA GLY A 175 5.29 -13.71 0.91
C GLY A 175 5.16 -15.18 1.31
N SER A 176 5.86 -15.61 2.35
CA SER A 176 5.82 -17.03 2.69
C SER A 176 4.42 -17.51 3.10
N PHE A 177 4.09 -18.73 2.72
CA PHE A 177 2.85 -19.36 3.13
C PHE A 177 1.64 -18.51 2.80
N TYR A 178 1.37 -18.31 1.52
CA TYR A 178 0.25 -17.46 1.12
C TYR A 178 0.31 -16.10 1.76
N TRP A 179 1.49 -15.50 1.74
CA TRP A 179 1.66 -14.18 2.29
C TRP A 179 1.33 -14.04 3.77
N GLN A 180 1.45 -15.12 4.55
CA GLN A 180 1.35 -14.97 5.98
C GLN A 180 2.59 -14.23 6.42
N GLY A 181 3.70 -14.59 5.76
CA GLY A 181 5.00 -14.01 6.00
C GLY A 181 5.82 -14.85 6.96
N GLN A 182 7.14 -14.81 6.79
CA GLN A 182 8.02 -15.56 7.65
C GLN A 182 9.29 -14.79 8.00
N LEU A 183 9.74 -14.90 9.25
CA LEU A 183 11.06 -14.38 9.58
C LEU A 183 12.03 -15.52 9.61
N ILE A 184 13.19 -15.30 9.00
CA ILE A 184 14.26 -16.28 9.06
C ILE A 184 15.52 -15.58 9.54
N SER A 185 16.17 -16.15 10.52
CA SER A 185 17.41 -15.58 11.05
C SER A 185 18.48 -16.63 11.18
N ASP A 186 19.69 -16.29 10.77
CA ASP A 186 20.76 -17.26 10.86
C ASP A 186 22.06 -16.59 11.23
N GLN A 187 23.12 -17.38 11.39
CA GLN A 187 24.40 -16.85 11.79
C GLN A 187 25.26 -16.51 10.60
N VAL A 188 26.06 -15.47 10.73
CA VAL A 188 26.95 -15.12 9.65
C VAL A 188 27.97 -16.23 9.42
N ALA A 189 28.49 -16.80 10.50
CA ALA A 189 29.47 -17.86 10.35
C ALA A 189 28.91 -19.04 9.58
N GLU A 190 27.65 -19.41 9.83
CA GLU A 190 27.04 -20.53 9.12
C GLU A 190 26.83 -20.21 7.66
N ILE A 191 26.40 -18.98 7.38
CA ILE A 191 26.12 -18.58 6.02
C ILE A 191 27.38 -18.60 5.17
N VAL A 192 28.45 -18.05 5.70
CA VAL A 192 29.71 -17.99 4.96
C VAL A 192 30.39 -19.34 4.87
N SER A 193 30.42 -20.09 5.98
CA SER A 193 31.08 -21.38 6.01
C SER A 193 30.38 -22.43 5.16
N LYS A 194 29.07 -22.59 5.36
CA LYS A 194 28.32 -23.62 4.62
C LYS A 194 27.88 -23.08 3.27
N TYR A 195 28.84 -22.80 2.41
CA TYR A 195 28.51 -22.28 1.10
C TYR A 195 29.11 -23.12 -0.01
N ASP A 196 28.26 -23.45 -0.97
CA ASP A 196 28.67 -24.19 -2.14
C ASP A 196 27.87 -23.70 -3.35
N PRO A 197 28.52 -23.07 -4.34
CA PRO A 197 27.90 -22.44 -5.49
C PRO A 197 27.18 -23.44 -6.38
N ASN A 198 27.42 -24.72 -6.16
CA ASN A 198 26.79 -25.76 -6.97
C ASN A 198 25.54 -26.30 -6.29
N VAL A 199 25.19 -25.72 -5.15
CA VAL A 199 24.04 -26.16 -4.39
C VAL A 199 22.99 -25.07 -4.34
N TYR A 200 21.78 -25.40 -4.76
CA TYR A 200 20.73 -24.39 -4.82
C TYR A 200 20.06 -24.26 -3.45
N SER A 201 19.86 -25.40 -2.80
CA SER A 201 19.19 -25.46 -1.50
C SER A 201 20.20 -25.78 -0.40
N ILE A 202 20.42 -24.84 0.52
CA ILE A 202 21.39 -25.05 1.57
C ILE A 202 20.78 -25.03 2.96
N LYS A 203 21.06 -26.07 3.73
CA LYS A 203 20.60 -26.18 5.11
C LYS A 203 21.63 -25.59 6.06
N TYR A 204 21.15 -24.89 7.09
CA TYR A 204 22.03 -24.33 8.11
C TYR A 204 21.61 -24.89 9.47
N ASN A 205 22.56 -25.02 10.40
CA ASN A 205 22.26 -25.68 11.68
C ASN A 205 21.75 -24.78 12.80
N ASN A 206 22.11 -23.50 12.78
CA ASN A 206 21.74 -22.59 13.87
C ASN A 206 20.68 -21.59 13.43
N GLN A 207 19.90 -21.98 12.43
CA GLN A 207 18.84 -21.16 11.88
C GLN A 207 17.58 -21.17 12.73
N LEU A 208 17.00 -20.00 12.90
CA LEU A 208 15.74 -19.82 13.57
C LEU A 208 14.71 -19.30 12.59
N ALA A 209 13.46 -19.69 12.74
CA ALA A 209 12.45 -19.15 11.86
C ALA A 209 11.06 -19.27 12.44
N THR A 210 10.17 -18.43 11.95
CA THR A 210 8.76 -18.51 12.28
C THR A 210 8.11 -19.64 11.49
N ARG A 211 6.86 -19.95 11.81
CA ARG A 211 6.16 -21.07 11.17
C ARG A 211 4.81 -20.68 10.62
N THR A 212 4.35 -21.47 9.66
CA THR A 212 3.04 -21.29 9.04
C THR A 212 1.92 -21.53 10.04
N ALA A 213 0.81 -20.82 9.84
CA ALA A 213 -0.35 -20.92 10.71
C ALA A 213 -1.63 -21.07 9.88
N GLN A 214 -2.77 -20.91 10.54
CA GLN A 214 -4.07 -21.04 9.92
C GLN A 214 -4.33 -19.98 8.86
N ALA A 215 -5.24 -20.28 7.95
CA ALA A 215 -5.58 -19.40 6.82
C ALA A 215 -6.04 -18.02 7.27
N ILE A 216 -6.51 -17.91 8.51
CA ILE A 216 -6.99 -16.64 9.02
C ILE A 216 -5.86 -15.61 9.10
N PHE A 217 -4.62 -16.07 8.96
CA PHE A 217 -3.45 -15.20 8.99
C PHE A 217 -2.89 -14.95 7.59
N ASP A 218 -3.59 -15.41 6.56
CA ASP A 218 -3.13 -15.22 5.19
C ASP A 218 -3.14 -13.74 4.84
N ASP A 219 -2.29 -13.36 3.89
CA ASP A 219 -2.22 -11.97 3.43
C ASP A 219 -1.96 -10.96 4.54
N SER A 220 -1.03 -11.29 5.44
CA SER A 220 -0.67 -10.38 6.53
C SER A 220 0.70 -9.72 6.28
N TYR A 221 1.52 -10.37 5.47
CA TYR A 221 2.89 -9.94 5.13
C TYR A 221 3.82 -9.83 6.32
N LEU A 222 3.86 -10.83 7.18
CA LEU A 222 4.79 -10.74 8.29
C LEU A 222 6.22 -10.74 7.82
N GLY A 223 6.99 -9.79 8.32
CA GLY A 223 8.37 -9.67 7.89
C GLY A 223 8.46 -8.63 6.79
N TYR A 224 7.48 -7.72 6.76
CA TYR A 224 7.44 -6.65 5.79
C TYR A 224 8.58 -5.70 6.07
N SER A 225 8.79 -5.44 7.35
CA SER A 225 9.82 -4.54 7.86
C SER A 225 10.38 -5.09 9.15
N VAL A 226 11.70 -5.14 9.28
CA VAL A 226 12.27 -5.68 10.52
C VAL A 226 13.23 -4.73 11.22
N ALA A 227 13.43 -4.98 12.51
CA ALA A 227 14.32 -4.22 13.38
C ALA A 227 14.75 -5.10 14.56
N VAL A 228 15.79 -4.71 15.28
CA VAL A 228 16.20 -5.52 16.43
C VAL A 228 16.40 -4.70 17.70
N GLY A 229 16.39 -5.39 18.84
CA GLY A 229 16.67 -4.78 20.14
C GLY A 229 16.27 -5.70 21.27
N ASP A 230 16.77 -5.45 22.48
CA ASP A 230 16.48 -6.32 23.62
C ASP A 230 15.18 -5.95 24.31
N PHE A 231 14.18 -6.83 24.20
CA PHE A 231 12.86 -6.58 24.75
C PHE A 231 12.45 -7.53 25.88
N ASN A 232 13.40 -8.24 26.46
CA ASN A 232 13.06 -9.10 27.59
C ASN A 232 14.16 -9.15 28.66
N GLY A 233 15.26 -8.43 28.45
CA GLY A 233 16.33 -8.35 29.44
C GLY A 233 17.23 -9.59 29.49
N ASP A 234 17.35 -10.29 28.37
CA ASP A 234 18.16 -11.50 28.34
C ASP A 234 19.56 -11.28 27.77
N GLY A 235 19.87 -10.06 27.31
CA GLY A 235 21.18 -9.77 26.75
C GLY A 235 21.27 -10.16 25.28
N ILE A 236 20.18 -10.66 24.75
CA ILE A 236 20.11 -11.11 23.37
C ILE A 236 19.12 -10.25 22.61
N ASP A 237 19.58 -9.64 21.53
CA ASP A 237 18.71 -8.81 20.72
C ASP A 237 17.57 -9.66 20.22
N ASP A 238 16.37 -9.13 20.30
CA ASP A 238 15.20 -9.86 19.86
C ASP A 238 14.78 -9.35 18.49
N PHE A 239 13.75 -9.94 17.92
CA PHE A 239 13.36 -9.60 16.56
C PHE A 239 12.04 -8.86 16.47
N VAL A 240 12.08 -7.67 15.93
CA VAL A 240 10.88 -6.84 15.78
C VAL A 240 10.42 -6.92 14.34
N SER A 241 9.15 -7.22 14.12
CA SER A 241 8.67 -7.37 12.76
C SER A 241 7.30 -6.76 12.50
N GLY A 242 7.24 -5.93 11.47
CA GLY A 242 5.99 -5.33 11.05
C GLY A 242 5.18 -6.32 10.23
N VAL A 243 3.86 -6.27 10.44
CA VAL A 243 2.92 -7.11 9.72
C VAL A 243 1.68 -6.30 9.30
N PRO A 244 1.80 -5.44 8.29
CA PRO A 244 0.85 -4.40 7.93
C PRO A 244 -0.60 -4.81 7.66
N ARG A 245 -0.86 -6.05 7.28
CA ARG A 245 -2.24 -6.42 7.00
C ARG A 245 -2.86 -7.32 8.08
N ALA A 246 -2.15 -7.48 9.19
CA ALA A 246 -2.60 -8.33 10.29
C ALA A 246 -3.84 -7.78 10.97
N ALA A 247 -4.59 -8.69 11.60
CA ALA A 247 -5.75 -8.31 12.39
C ALA A 247 -6.74 -7.49 11.59
N ARG A 248 -7.15 -8.01 10.44
CA ARG A 248 -8.11 -7.31 9.59
C ARG A 248 -7.55 -5.97 9.17
N THR A 249 -6.38 -5.99 8.57
CA THR A 249 -5.65 -4.81 8.15
C THR A 249 -5.76 -3.66 9.13
N LEU A 250 -5.56 -3.95 10.41
CA LEU A 250 -5.28 -2.90 11.37
C LEU A 250 -3.78 -2.70 11.35
N GLY A 251 -3.09 -3.81 11.17
CA GLY A 251 -1.65 -3.85 11.13
C GLY A 251 -1.12 -4.19 12.50
N MET A 252 -0.09 -5.00 12.54
CA MET A 252 0.51 -5.38 13.81
C MET A 252 2.02 -5.39 13.76
N VAL A 253 2.61 -5.27 14.94
CA VAL A 253 4.04 -5.47 15.09
C VAL A 253 4.29 -6.53 16.13
N TYR A 254 5.04 -7.53 15.75
CA TYR A 254 5.34 -8.66 16.60
C TYR A 254 6.75 -8.59 17.10
N ILE A 255 6.98 -9.01 18.33
CA ILE A 255 8.34 -9.15 18.80
C ILE A 255 8.59 -10.59 19.18
N TYR A 256 9.58 -11.20 18.54
CA TYR A 256 9.93 -12.59 18.77
C TYR A 256 11.21 -12.72 19.55
N ASP A 257 11.29 -13.73 20.39
CA ASP A 257 12.50 -14.01 21.15
C ASP A 257 13.66 -14.33 20.21
N GLY A 258 14.77 -13.63 20.40
CA GLY A 258 15.92 -13.78 19.51
C GLY A 258 16.70 -15.07 19.71
N LYS A 259 16.33 -15.84 20.72
CA LYS A 259 17.02 -17.10 20.99
C LYS A 259 16.23 -18.33 20.54
N ASN A 260 14.90 -18.36 20.80
CA ASN A 260 14.05 -19.52 20.48
C ASN A 260 12.76 -19.19 19.70
N MET A 261 12.58 -17.94 19.24
CA MET A 261 11.41 -17.46 18.47
C MET A 261 10.06 -17.53 19.19
N SER A 262 10.05 -17.72 20.50
CA SER A 262 8.79 -17.62 21.23
C SER A 262 8.27 -16.20 21.12
N SER A 263 6.97 -16.01 20.95
CA SER A 263 6.45 -14.64 20.85
C SER A 263 6.55 -13.93 22.19
N LEU A 264 6.93 -12.65 22.16
CA LEU A 264 7.04 -11.85 23.37
C LEU A 264 5.96 -10.78 23.45
N TYR A 265 5.79 -10.02 22.36
CA TYR A 265 4.81 -8.92 22.36
C TYR A 265 3.99 -8.85 21.06
N ASN A 266 2.80 -8.23 21.16
CA ASN A 266 1.88 -7.98 20.05
C ASN A 266 1.30 -6.57 20.12
N PHE A 267 1.73 -5.69 19.20
CA PHE A 267 1.28 -4.30 19.10
C PHE A 267 0.26 -4.21 17.99
N THR A 268 -0.94 -3.75 18.28
CA THR A 268 -1.98 -3.71 17.26
C THR A 268 -2.43 -2.28 16.98
N GLY A 269 -2.55 -1.95 15.70
CA GLY A 269 -2.99 -0.62 15.29
C GLY A 269 -4.48 -0.44 15.56
N GLU A 270 -4.94 0.80 15.57
CA GLU A 270 -6.35 1.07 15.85
C GLU A 270 -7.19 1.35 14.62
N GLN A 271 -6.57 1.85 13.56
CA GLN A 271 -7.33 2.24 12.38
C GLN A 271 -7.08 1.34 11.21
N MET A 272 -8.15 0.86 10.61
CA MET A 272 -8.03 -0.02 9.46
C MET A 272 -7.42 0.71 8.30
N ALA A 273 -6.55 0.03 7.59
CA ALA A 273 -5.87 0.52 6.40
C ALA A 273 -4.92 1.69 6.68
N ALA A 274 -4.54 1.90 7.94
CA ALA A 274 -3.51 2.90 8.25
C ALA A 274 -2.15 2.31 7.92
N TYR A 275 -2.16 1.00 7.71
CA TYR A 275 -1.01 0.19 7.37
C TYR A 275 0.06 0.27 8.47
N PHE A 276 -0.41 0.07 9.70
CA PHE A 276 0.44 0.06 10.88
C PHE A 276 1.42 -1.08 10.77
N GLY A 277 2.70 -0.76 10.94
CA GLY A 277 3.75 -1.75 10.83
C GLY A 277 4.52 -1.62 9.52
N PHE A 278 4.20 -0.60 8.72
CA PHE A 278 4.91 -0.34 7.46
C PHE A 278 6.41 -0.31 7.68
N SER A 279 6.82 0.40 8.72
CA SER A 279 8.22 0.57 9.06
C SER A 279 8.39 0.53 10.56
N VAL A 280 9.31 -0.31 11.02
CA VAL A 280 9.55 -0.42 12.46
C VAL A 280 11.00 -0.17 12.80
N ALA A 281 11.23 0.34 13.99
CA ALA A 281 12.58 0.61 14.49
C ALA A 281 12.62 0.48 16.00
N ALA A 282 13.82 0.31 16.55
CA ALA A 282 13.98 0.25 17.99
C ALA A 282 15.24 0.95 18.43
N THR A 283 15.14 1.66 19.55
CA THR A 283 16.26 2.40 20.14
C THR A 283 15.93 2.87 21.55
N ASP A 284 16.94 3.12 22.36
CA ASP A 284 16.70 3.74 23.67
C ASP A 284 16.57 5.24 23.50
N ILE A 285 15.36 5.77 23.68
CA ILE A 285 15.11 7.17 23.40
C ILE A 285 14.97 8.01 24.68
N ASN A 286 15.11 7.37 25.84
CA ASN A 286 14.91 8.08 27.08
C ASN A 286 15.98 7.81 28.14
N GLY A 287 17.01 7.05 27.79
CA GLY A 287 18.13 6.81 28.69
C GLY A 287 17.78 5.83 29.79
N ASP A 288 16.88 4.90 29.50
CA ASP A 288 16.47 3.93 30.52
C ASP A 288 17.14 2.56 30.37
N ASP A 289 18.04 2.42 29.39
CA ASP A 289 18.74 1.18 29.09
C ASP A 289 17.83 0.08 28.55
N TYR A 290 16.62 0.47 28.14
CA TYR A 290 15.71 -0.47 27.48
C TYR A 290 15.34 0.04 26.10
N ALA A 291 15.36 -0.85 25.11
CA ALA A 291 14.98 -0.47 23.76
C ALA A 291 13.53 -0.05 23.74
N ASP A 292 13.24 1.00 23.00
CA ASP A 292 11.89 1.49 22.86
C ASP A 292 11.41 1.16 21.45
N VAL A 293 10.09 1.09 21.27
CA VAL A 293 9.53 0.66 20.00
C VAL A 293 8.85 1.77 19.22
N PHE A 294 9.29 1.94 17.97
CA PHE A 294 8.76 2.98 17.09
C PHE A 294 8.08 2.38 15.87
N ILE A 295 6.78 2.59 15.74
CA ILE A 295 6.03 1.97 14.65
C ILE A 295 5.33 2.98 13.75
N GLY A 296 5.63 2.94 12.46
CA GLY A 296 4.98 3.83 11.53
C GLY A 296 3.63 3.28 11.06
N ALA A 297 2.74 4.19 10.67
CA ALA A 297 1.42 3.90 10.08
C ALA A 297 1.08 5.02 9.11
N PRO A 298 1.74 5.07 7.94
CA PRO A 298 1.79 6.17 7.00
C PRO A 298 0.46 6.58 6.39
N LEU A 299 -0.55 5.71 6.42
CA LEU A 299 -1.82 6.08 5.81
C LEU A 299 -2.84 6.52 6.83
N PHE A 300 -2.44 6.67 8.09
CA PHE A 300 -3.39 7.02 9.13
C PHE A 300 -4.13 8.33 8.85
N MET A 301 -5.45 8.29 9.02
CA MET A 301 -6.31 9.44 8.84
C MET A 301 -6.79 10.02 10.17
N ASP A 302 -6.48 11.30 10.37
CA ASP A 302 -6.80 12.01 11.59
C ASP A 302 -8.09 12.82 11.43
N ARG A 303 -9.09 12.57 12.28
CA ARG A 303 -10.37 13.27 12.17
C ARG A 303 -10.32 14.71 12.70
N GLY A 304 -10.89 15.63 11.93
CA GLY A 304 -10.98 17.03 12.32
C GLY A 304 -12.24 17.30 13.14
N SER A 305 -12.56 18.57 13.34
CA SER A 305 -13.68 18.96 14.20
C SER A 305 -15.06 18.52 13.69
N ASP A 306 -15.20 18.33 12.39
CA ASP A 306 -16.47 17.87 11.84
C ASP A 306 -16.45 16.39 11.50
N GLY A 307 -15.37 15.71 11.91
CA GLY A 307 -15.19 14.30 11.64
C GLY A 307 -14.48 14.05 10.31
N LYS A 308 -14.14 15.11 9.58
CA LYS A 308 -13.47 14.93 8.29
C LYS A 308 -12.13 14.25 8.45
N LEU A 309 -11.90 13.25 7.62
CA LEU A 309 -10.66 12.49 7.67
C LEU A 309 -9.56 13.04 6.79
N GLN A 310 -8.43 13.36 7.41
CA GLN A 310 -7.29 13.87 6.70
C GLN A 310 -6.17 12.86 6.76
N GLU A 311 -5.75 12.37 5.60
CA GLU A 311 -4.67 11.38 5.58
C GLU A 311 -3.37 12.08 5.81
N VAL A 312 -2.72 11.77 6.92
CA VAL A 312 -1.49 12.46 7.28
C VAL A 312 -0.34 11.49 7.53
N GLY A 313 -0.64 10.40 8.22
CA GLY A 313 0.38 9.47 8.68
C GLY A 313 0.61 9.62 10.17
N GLN A 314 0.81 8.50 10.84
CA GLN A 314 1.00 8.46 12.28
C GLN A 314 2.16 7.55 12.69
N VAL A 315 2.84 7.92 13.76
CA VAL A 315 3.86 7.07 14.35
C VAL A 315 3.53 6.77 15.81
N SER A 316 3.45 5.50 16.13
CA SER A 316 3.17 5.09 17.50
C SER A 316 4.48 4.90 18.23
N VAL A 317 4.57 5.45 19.42
CA VAL A 317 5.79 5.36 20.19
C VAL A 317 5.55 4.74 21.54
N SER A 318 6.32 3.73 21.89
CA SER A 318 6.13 3.18 23.22
C SER A 318 7.44 2.90 23.90
N LEU A 319 7.51 3.23 25.18
CA LEU A 319 8.71 3.03 25.95
C LEU A 319 8.66 1.70 26.67
N GLN A 320 9.80 1.05 26.72
CA GLN A 320 9.89 -0.22 27.43
C GLN A 320 10.21 0.02 28.89
N ARG A 321 9.47 -0.60 29.77
CA ARG A 321 9.73 -0.46 31.18
C ARG A 321 10.22 -1.78 31.76
N ALA A 322 10.92 -1.70 32.88
CA ALA A 322 11.56 -2.86 33.51
C ALA A 322 10.56 -3.97 33.84
N SER A 323 9.31 -3.61 34.12
CA SER A 323 8.29 -4.56 34.49
C SER A 323 7.87 -5.47 33.33
N GLY A 324 8.28 -5.11 32.11
CA GLY A 324 7.92 -5.86 30.91
C GLY A 324 6.72 -5.24 30.20
N ASP A 325 6.23 -4.13 30.74
CA ASP A 325 5.11 -3.43 30.15
C ASP A 325 5.59 -2.29 29.27
N PHE A 326 4.75 -1.87 28.34
CA PHE A 326 5.05 -0.72 27.51
C PHE A 326 4.14 0.46 27.79
N GLN A 327 4.72 1.65 27.69
CA GLN A 327 4.01 2.91 27.86
C GLN A 327 3.81 3.56 26.50
N THR A 328 2.58 3.60 26.02
CA THR A 328 2.31 4.05 24.65
C THR A 328 1.78 5.47 24.52
N THR A 329 2.38 6.22 23.60
CA THR A 329 1.93 7.55 23.21
C THR A 329 1.82 7.61 21.69
N LYS A 330 1.37 8.75 21.15
CA LYS A 330 1.22 8.85 19.71
C LYS A 330 1.71 10.18 19.14
N LEU A 331 2.34 10.11 17.97
CA LEU A 331 2.81 11.27 17.24
C LEU A 331 2.18 11.35 15.85
N ASN A 332 1.49 12.46 15.56
CA ASN A 332 0.88 12.61 14.26
C ASN A 332 1.76 13.42 13.33
N GLY A 333 1.57 13.26 12.03
CA GLY A 333 2.33 14.02 11.06
C GLY A 333 1.75 15.41 10.89
N PHE A 334 2.29 16.16 9.93
CA PHE A 334 1.92 17.56 9.79
C PHE A 334 1.25 17.91 8.46
N GLU A 335 1.38 17.05 7.46
CA GLU A 335 0.85 17.39 6.14
C GLU A 335 0.03 16.27 5.51
N VAL A 336 -1.00 16.67 4.78
CA VAL A 336 -1.89 15.73 4.16
C VAL A 336 -1.30 15.06 2.92
N PHE A 337 -1.41 13.74 2.90
CA PHE A 337 -0.88 12.83 1.89
C PHE A 337 0.63 12.79 1.84
N ALA A 338 1.29 13.31 2.87
CA ALA A 338 2.75 13.29 2.91
C ALA A 338 3.28 11.94 3.37
N ARG A 339 2.39 11.13 3.96
CA ARG A 339 2.72 9.81 4.50
C ARG A 339 3.79 9.83 5.58
N PHE A 340 3.55 10.64 6.60
CA PHE A 340 4.46 10.74 7.72
C PHE A 340 4.56 9.41 8.43
N GLY A 341 5.78 8.99 8.70
CA GLY A 341 6.02 7.74 9.38
C GLY A 341 6.43 6.63 8.43
N SER A 342 6.63 6.99 7.16
CA SER A 342 7.06 6.02 6.14
C SER A 342 8.45 5.46 6.42
N ALA A 343 9.23 6.18 7.20
CA ALA A 343 10.57 5.71 7.52
C ALA A 343 11.02 6.25 8.86
N ILE A 344 11.42 5.34 9.73
CA ILE A 344 11.94 5.71 11.03
C ILE A 344 13.42 5.41 11.06
N ALA A 345 14.24 6.43 11.25
CA ALA A 345 15.68 6.24 11.23
C ALA A 345 16.36 6.86 12.44
N PRO A 346 16.61 6.10 13.52
CA PRO A 346 17.27 6.54 14.71
C PRO A 346 18.60 7.16 14.31
N LEU A 347 18.89 8.28 14.92
CA LEU A 347 20.06 9.07 14.63
C LEU A 347 21.16 8.88 15.66
N GLY A 348 20.84 8.15 16.71
CA GLY A 348 21.75 8.05 17.83
C GLY A 348 21.68 9.40 18.51
N ASP A 349 22.62 9.71 19.40
CA ASP A 349 22.54 10.99 20.07
C ASP A 349 23.20 12.07 19.23
N LEU A 350 22.50 12.45 18.16
CA LEU A 350 23.00 13.37 17.15
C LEU A 350 23.35 14.74 17.72
N ASP A 351 22.54 15.23 18.67
CA ASP A 351 22.84 16.53 19.27
C ASP A 351 23.64 16.40 20.57
N GLN A 352 24.09 15.20 20.88
CA GLN A 352 24.90 14.92 22.07
C GLN A 352 24.29 15.50 23.36
N ASP A 353 22.99 15.27 23.59
CA ASP A 353 22.36 15.78 24.80
C ASP A 353 22.12 14.68 25.84
N GLY A 354 22.62 13.48 25.56
CA GLY A 354 22.45 12.35 26.45
C GLY A 354 21.32 11.42 26.02
N PHE A 355 20.51 11.87 25.05
CA PHE A 355 19.41 11.04 24.60
C PHE A 355 19.46 10.82 23.10
N ASN A 356 19.06 9.64 22.66
CA ASN A 356 19.06 9.38 21.23
C ASN A 356 17.95 10.17 20.57
N ASP A 357 18.17 10.53 19.31
CA ASP A 357 17.23 11.31 18.54
C ASP A 357 16.74 10.48 17.34
N ILE A 358 15.59 10.83 16.75
CA ILE A 358 15.04 10.11 15.60
C ILE A 358 14.61 10.97 14.43
N ALA A 359 14.94 10.55 13.21
CA ALA A 359 14.42 11.24 12.03
C ALA A 359 13.23 10.46 11.47
N ILE A 360 12.13 11.16 11.25
CA ILE A 360 10.93 10.54 10.69
C ILE A 360 10.57 11.19 9.36
N ALA A 361 10.50 10.36 8.31
CA ALA A 361 10.21 10.87 6.98
C ALA A 361 8.75 11.07 6.70
N ALA A 362 8.50 11.98 5.77
CA ALA A 362 7.20 12.24 5.17
C ALA A 362 7.43 12.57 3.68
N PRO A 363 7.78 11.54 2.87
CA PRO A 363 8.37 11.61 1.54
C PRO A 363 7.58 12.39 0.51
N TYR A 364 6.29 12.57 0.72
CA TYR A 364 5.52 13.29 -0.29
C TYR A 364 5.05 14.66 0.19
N GLY A 365 5.59 15.15 1.29
CA GLY A 365 5.20 16.46 1.79
C GLY A 365 6.06 17.59 1.24
N GLY A 366 5.74 18.81 1.64
CA GLY A 366 6.47 20.00 1.23
C GLY A 366 5.99 20.55 -0.09
N GLU A 367 6.60 21.63 -0.53
CA GLU A 367 6.20 22.21 -1.79
C GLU A 367 6.49 21.17 -2.86
N ASP A 368 5.59 21.09 -3.84
CA ASP A 368 5.72 20.18 -4.98
C ASP A 368 5.97 18.72 -4.58
N LYS A 369 5.60 18.38 -3.34
CA LYS A 369 5.77 17.03 -2.83
C LYS A 369 7.21 16.54 -2.96
N LYS A 370 8.17 17.44 -2.71
CA LYS A 370 9.58 17.09 -2.75
C LYS A 370 9.97 16.06 -1.70
N GLY A 371 9.31 16.13 -0.55
CA GLY A 371 9.56 15.26 0.59
C GLY A 371 10.18 16.00 1.75
N ILE A 372 9.76 15.64 2.96
CA ILE A 372 10.22 16.26 4.20
C ILE A 372 10.75 15.22 5.18
N VAL A 373 11.81 15.58 5.89
CA VAL A 373 12.31 14.78 7.00
C VAL A 373 12.27 15.58 8.29
N TYR A 374 11.59 15.04 9.29
CA TYR A 374 11.45 15.73 10.57
C TYR A 374 12.36 15.14 11.62
N ILE A 375 13.13 15.98 12.29
CA ILE A 375 14.02 15.49 13.33
C ILE A 375 13.48 15.81 14.71
N PHE A 376 13.26 14.75 15.47
CA PHE A 376 12.70 14.83 16.81
C PHE A 376 13.75 14.44 17.84
N ASN A 377 14.00 15.31 18.78
CA ASN A 377 14.99 15.04 19.81
C ASN A 377 14.41 14.19 20.91
N GLY A 378 15.27 13.43 21.57
CA GLY A 378 14.85 12.59 22.68
C GLY A 378 14.89 13.36 23.99
N ARG A 379 14.55 12.66 25.07
CA ARG A 379 14.53 13.23 26.42
C ARG A 379 14.15 12.16 27.42
N SER A 380 14.28 12.45 28.71
CA SER A 380 14.03 11.45 29.74
C SER A 380 12.59 10.96 29.81
N THR A 381 11.67 11.69 29.19
CA THR A 381 10.26 11.34 29.23
C THR A 381 9.79 10.65 27.95
N GLY A 382 10.69 10.42 27.01
CA GLY A 382 10.33 9.80 25.75
C GLY A 382 10.56 10.76 24.59
N LEU A 383 10.23 10.36 23.37
CA LEU A 383 10.51 11.20 22.22
C LEU A 383 9.72 12.50 22.32
N ASN A 384 10.37 13.63 22.04
CA ASN A 384 9.70 14.91 22.05
C ASN A 384 8.82 15.01 20.80
N ALA A 385 7.52 15.19 21.00
CA ALA A 385 6.55 15.21 19.89
C ALA A 385 6.73 16.41 18.99
N VAL A 386 7.43 17.42 19.46
CA VAL A 386 7.66 18.62 18.69
C VAL A 386 9.01 18.54 17.98
N PRO A 387 9.07 18.64 16.65
CA PRO A 387 10.27 18.53 15.87
C PRO A 387 11.13 19.74 16.13
N SER A 388 12.44 19.57 16.10
CA SER A 388 13.34 20.71 16.29
C SER A 388 13.98 21.14 14.98
N GLN A 389 14.03 20.24 14.01
CA GLN A 389 14.62 20.60 12.74
C GLN A 389 13.90 19.94 11.59
N ILE A 390 13.69 20.70 10.52
CA ILE A 390 12.99 20.17 9.37
C ILE A 390 13.85 20.27 8.11
N LEU A 391 14.00 19.14 7.44
CA LEU A 391 14.77 19.06 6.20
C LEU A 391 13.84 18.92 5.01
N GLU A 392 14.24 19.47 3.87
CA GLU A 392 13.43 19.34 2.66
C GLU A 392 14.27 18.92 1.46
N GLY A 393 13.62 18.23 0.53
CA GLY A 393 14.27 17.85 -0.72
C GLY A 393 14.62 19.09 -1.54
N GLN A 394 15.69 19.00 -2.30
CA GLN A 394 16.16 20.13 -3.10
C GLN A 394 16.03 19.91 -4.59
N TRP A 395 15.20 18.94 -5.00
CA TRP A 395 15.09 18.64 -6.41
C TRP A 395 13.63 18.58 -6.85
N ALA A 396 13.37 18.95 -8.09
CA ALA A 396 12.03 18.86 -8.65
C ALA A 396 11.75 17.46 -9.15
N ALA A 397 10.49 17.07 -9.17
CA ALA A 397 10.12 15.79 -9.75
C ALA A 397 10.36 15.81 -11.25
N ARG A 398 10.83 14.69 -11.78
CA ARG A 398 11.04 14.58 -13.23
C ARG A 398 9.99 13.68 -13.86
N SER A 399 9.51 12.72 -13.09
CA SER A 399 8.52 11.75 -13.55
C SER A 399 7.78 11.24 -12.35
N MET A 400 8.39 11.43 -11.20
CA MET A 400 7.82 11.03 -9.93
C MET A 400 8.48 11.87 -8.84
N PRO A 401 7.82 12.09 -7.70
CA PRO A 401 8.36 12.83 -6.58
C PRO A 401 9.70 12.25 -6.15
N PRO A 402 10.70 13.10 -5.82
CA PRO A 402 12.01 12.72 -5.34
C PRO A 402 11.89 11.77 -4.18
N SER A 403 10.78 11.92 -3.44
CA SER A 403 10.50 11.09 -2.30
C SER A 403 11.64 11.21 -1.29
N PHE A 404 12.05 12.45 -1.04
CA PHE A 404 13.13 12.70 -0.10
C PHE A 404 12.73 12.20 1.26
N GLY A 405 13.57 11.34 1.81
CA GLY A 405 13.29 10.74 3.12
C GLY A 405 12.71 9.34 3.00
N TYR A 406 12.53 8.85 1.78
CA TYR A 406 11.99 7.51 1.58
C TYR A 406 12.75 6.49 2.43
N SER A 407 14.07 6.57 2.38
CA SER A 407 14.91 5.71 3.21
C SER A 407 16.03 6.53 3.82
N MET A 408 16.32 6.27 5.09
CA MET A 408 17.34 7.02 5.80
C MET A 408 18.13 6.13 6.75
N LYS A 409 19.37 6.53 7.02
CA LYS A 409 20.16 5.87 8.06
C LYS A 409 20.99 6.88 8.82
N GLY A 410 20.94 6.84 10.14
CA GLY A 410 21.74 7.76 10.93
C GLY A 410 22.68 7.04 11.89
N ALA A 411 23.13 7.79 12.89
CA ALA A 411 24.02 7.32 13.95
C ALA A 411 25.40 6.89 13.47
N THR A 412 25.92 7.50 12.40
CA THR A 412 27.29 7.18 12.01
C THR A 412 28.10 8.45 11.85
N ASP A 413 29.22 8.55 12.53
CA ASP A 413 29.99 9.79 12.43
C ASP A 413 31.03 9.68 11.32
N ILE A 414 30.79 10.39 10.21
CA ILE A 414 31.63 10.33 9.02
C ILE A 414 32.70 11.40 9.06
N ASP A 415 32.35 12.59 9.53
CA ASP A 415 33.32 13.68 9.54
C ASP A 415 34.18 13.69 10.80
N LYS A 416 34.04 12.63 11.60
CA LYS A 416 34.86 12.42 12.79
C LYS A 416 34.88 13.60 13.76
N ASN A 417 33.71 14.08 14.18
CA ASN A 417 33.71 15.22 15.09
C ASN A 417 32.99 14.92 16.40
N GLY A 418 32.53 13.69 16.57
CA GLY A 418 31.85 13.27 17.79
C GLY A 418 30.33 13.40 17.70
N TYR A 419 29.86 14.00 16.62
CA TYR A 419 28.43 14.20 16.40
C TYR A 419 27.99 13.38 15.18
N PRO A 420 27.26 12.27 15.38
CA PRO A 420 26.82 11.32 14.36
C PRO A 420 26.09 12.03 13.24
N ASP A 421 26.26 11.52 12.03
CA ASP A 421 25.70 12.13 10.84
C ASP A 421 24.51 11.33 10.29
N LEU A 422 23.89 11.84 9.21
CA LEU A 422 22.68 11.24 8.62
C LEU A 422 22.66 11.21 7.09
N ILE A 423 22.39 10.03 6.52
CA ILE A 423 22.25 9.90 5.07
C ILE A 423 20.78 9.77 4.69
N VAL A 424 20.33 10.62 3.78
CA VAL A 424 18.94 10.59 3.33
C VAL A 424 18.85 10.34 1.83
N GLY A 425 18.08 9.33 1.44
CA GLY A 425 17.91 9.04 0.02
C GLY A 425 16.79 9.87 -0.59
N ALA A 426 16.86 10.05 -1.91
CA ALA A 426 15.84 10.73 -2.72
C ALA A 426 15.82 10.09 -4.09
N PHE A 427 15.42 8.83 -4.11
CA PHE A 427 15.55 7.99 -5.30
C PHE A 427 14.75 8.45 -6.50
N GLY A 428 13.71 9.25 -6.29
CA GLY A 428 12.89 9.68 -7.41
C GLY A 428 13.71 10.52 -8.40
N VAL A 429 14.81 11.08 -7.93
CA VAL A 429 15.68 11.89 -8.76
C VAL A 429 17.07 11.25 -8.89
N ASP A 430 17.17 9.98 -8.49
CA ASP A 430 18.42 9.24 -8.52
C ASP A 430 19.53 9.91 -7.72
N ARG A 431 19.20 10.41 -6.53
CA ARG A 431 20.19 11.07 -5.68
C ARG A 431 20.18 10.61 -4.23
N ALA A 432 21.29 10.86 -3.56
CA ALA A 432 21.45 10.62 -2.14
C ALA A 432 22.20 11.78 -1.54
N ILE A 433 21.77 12.24 -0.38
CA ILE A 433 22.37 13.43 0.19
C ILE A 433 22.79 13.21 1.64
N LEU A 434 24.06 13.49 1.93
CA LEU A 434 24.61 13.28 3.27
C LEU A 434 24.71 14.55 4.09
N TYR A 435 24.05 14.54 5.23
CA TYR A 435 24.05 15.67 6.12
C TYR A 435 24.98 15.40 7.29
N ARG A 436 25.75 16.40 7.69
CA ARG A 436 26.65 16.20 8.83
C ARG A 436 26.19 17.04 10.00
N ALA A 437 26.40 16.53 11.21
CA ALA A 437 25.97 17.24 12.41
C ALA A 437 27.01 18.25 12.90
N ARG A 438 26.51 19.44 13.26
CA ARG A 438 27.32 20.52 13.79
C ARG A 438 27.64 20.26 15.26
N PRO A 439 28.80 20.68 15.74
CA PRO A 439 29.14 20.71 17.14
C PRO A 439 28.17 21.59 17.90
N VAL A 440 27.92 21.27 19.15
CA VAL A 440 26.98 22.05 19.93
C VAL A 440 27.65 22.71 21.11
N ILE A 441 27.40 23.99 21.26
CA ILE A 441 27.99 24.76 22.35
C ILE A 441 26.98 25.12 23.41
N THR A 442 27.24 24.67 24.63
CA THR A 442 26.40 25.02 25.75
C THR A 442 27.04 26.18 26.45
N VAL A 443 26.27 27.23 26.69
CA VAL A 443 26.84 28.43 27.26
C VAL A 443 26.29 28.77 28.63
N ASN A 444 27.20 28.96 29.56
CA ASN A 444 26.89 29.38 30.90
C ASN A 444 26.99 30.89 30.96
N ALA A 445 25.84 31.55 30.92
CA ALA A 445 25.82 33.00 30.86
C ALA A 445 25.36 33.59 32.18
N GLY A 446 26.27 34.26 32.87
CA GLY A 446 25.97 34.83 34.16
C GLY A 446 25.65 36.31 34.04
N LEU A 447 24.78 36.80 34.91
CA LEU A 447 24.40 38.21 34.95
C LEU A 447 24.03 38.58 36.37
N GLU A 448 24.68 39.60 36.92
CA GLU A 448 24.45 40.00 38.31
C GLU A 448 24.45 41.51 38.52
N VAL A 449 23.72 41.98 39.53
CA VAL A 449 23.72 43.41 39.83
C VAL A 449 24.24 43.69 41.23
N TYR A 450 25.23 44.58 41.32
CA TYR A 450 25.88 44.95 42.57
C TYR A 450 25.80 46.44 42.94
N PRO A 451 24.97 46.83 43.89
CA PRO A 451 23.87 46.15 44.56
C PRO A 451 22.64 46.12 43.70
N SER A 452 21.74 45.18 43.95
CA SER A 452 20.44 45.17 43.29
C SER A 452 19.52 46.23 43.89
N ILE A 453 19.91 46.74 45.05
CA ILE A 453 19.14 47.77 45.75
C ILE A 453 19.70 49.14 45.44
N LEU A 454 18.94 49.92 44.70
CA LEU A 454 19.37 51.23 44.25
C LEU A 454 18.31 52.29 44.44
N ASN A 455 18.72 53.53 44.63
CA ASN A 455 17.77 54.60 44.89
C ASN A 455 18.30 55.96 44.43
N GLN A 456 17.53 57.02 44.66
CA GLN A 456 17.95 58.34 44.21
C GLN A 456 18.76 59.11 45.24
N ASP A 457 18.87 58.59 46.46
CA ASP A 457 19.53 59.31 47.54
C ASP A 457 20.98 58.90 47.77
N ASN A 458 21.28 57.63 47.54
CA ASN A 458 22.60 57.11 47.84
C ASN A 458 23.57 57.37 46.71
N LYS A 459 23.98 58.62 46.59
CA LYS A 459 24.94 58.99 45.57
C LYS A 459 26.32 58.56 46.04
N THR A 460 26.97 57.71 45.26
CA THR A 460 28.23 57.10 45.69
C THR A 460 29.46 57.34 44.79
N CYS A 461 29.27 57.81 43.54
CA CYS A 461 30.42 58.06 42.66
C CYS A 461 30.10 59.23 41.72
N SER A 462 31.14 59.79 41.09
CA SER A 462 31.00 60.94 40.20
C SER A 462 31.11 60.56 38.73
N LEU A 463 30.51 61.38 37.89
CA LEU A 463 30.59 61.20 36.46
C LEU A 463 31.86 61.85 35.90
N PRO A 464 32.37 61.34 34.75
CA PRO A 464 33.43 61.91 33.92
C PRO A 464 33.06 63.28 33.37
N GLY A 465 34.08 64.12 33.14
CA GLY A 465 33.87 65.44 32.55
C GLY A 465 33.42 66.44 33.62
N THR A 466 32.19 66.28 34.06
CA THR A 466 31.65 67.10 35.13
C THR A 466 31.38 66.19 36.31
N ALA A 467 31.99 66.49 37.44
CA ALA A 467 31.92 65.60 38.59
C ALA A 467 30.61 65.72 39.35
N LEU A 468 29.54 65.31 38.70
CA LEU A 468 28.23 65.30 39.34
C LEU A 468 28.16 63.98 40.06
N LYS A 469 27.56 63.96 41.24
CA LYS A 469 27.43 62.71 41.96
C LYS A 469 26.11 62.05 41.63
N VAL A 470 26.17 60.74 41.40
CA VAL A 470 24.99 59.96 41.08
C VAL A 470 24.90 58.68 41.92
N SER A 471 23.72 58.07 41.94
CA SER A 471 23.57 56.75 42.53
C SER A 471 24.06 55.74 41.52
N CYS A 472 25.09 54.98 41.91
CA CYS A 472 25.84 54.07 41.05
C CYS A 472 25.55 52.63 41.45
N PHE A 473 25.60 51.72 40.47
CA PHE A 473 25.55 50.29 40.69
C PHE A 473 26.34 49.61 39.58
N ASN A 474 26.86 48.43 39.86
CA ASN A 474 27.64 47.75 38.85
C ASN A 474 26.89 46.59 38.24
N VAL A 475 27.02 46.45 36.95
CA VAL A 475 26.41 45.33 36.27
C VAL A 475 27.49 44.43 35.73
N ARG A 476 27.46 43.19 36.17
CA ARG A 476 28.48 42.23 35.78
C ARG A 476 27.88 41.12 34.96
N PHE A 477 28.68 40.61 34.04
CA PHE A 477 28.27 39.44 33.32
C PHE A 477 29.48 38.63 32.96
N CYS A 478 29.26 37.36 32.67
CA CYS A 478 30.37 36.51 32.30
C CYS A 478 29.94 35.32 31.48
N LEU A 479 30.87 34.79 30.69
CA LEU A 479 30.58 33.65 29.84
C LEU A 479 31.62 32.53 29.85
N LYS A 480 31.13 31.30 29.98
CA LYS A 480 31.92 30.09 29.77
C LYS A 480 31.16 29.17 28.85
N ALA A 481 31.86 28.42 28.03
CA ALA A 481 31.16 27.54 27.12
C ALA A 481 32.00 26.35 26.73
N ASP A 482 31.32 25.26 26.35
CA ASP A 482 32.03 24.12 25.76
C ASP A 482 31.06 23.20 25.01
N GLY A 483 31.62 22.18 24.39
CA GLY A 483 30.83 21.17 23.69
C GLY A 483 31.32 19.78 24.07
N LYS A 484 30.92 18.76 23.32
CA LYS A 484 31.32 17.40 23.67
C LYS A 484 32.18 16.73 22.61
N GLY A 485 32.29 17.35 21.45
CA GLY A 485 33.04 16.77 20.34
C GLY A 485 34.21 17.66 19.96
N VAL A 486 34.45 17.78 18.65
CA VAL A 486 35.57 18.57 18.17
C VAL A 486 35.13 19.99 17.85
N LEU A 487 35.58 20.92 18.68
CA LEU A 487 35.28 22.33 18.55
C LEU A 487 36.58 23.14 18.57
N PRO A 488 36.63 24.31 17.93
CA PRO A 488 37.73 25.25 17.99
C PRO A 488 37.97 25.61 19.44
N ARG A 489 39.24 25.74 19.83
CA ARG A 489 39.54 26.10 21.20
C ARG A 489 39.05 27.51 21.50
N LYS A 490 39.20 28.40 20.53
CA LYS A 490 38.80 29.79 20.71
C LYS A 490 37.44 30.07 20.08
N LEU A 491 36.47 30.39 20.92
CA LEU A 491 35.12 30.69 20.45
C LEU A 491 34.95 32.20 20.38
N ASN A 492 34.36 32.66 19.30
CA ASN A 492 34.16 34.09 19.11
C ASN A 492 32.70 34.49 19.39
N PHE A 493 32.49 35.22 20.48
CA PHE A 493 31.16 35.62 20.92
C PHE A 493 30.88 37.11 20.80
N GLN A 494 29.63 37.42 20.50
CA GLN A 494 29.12 38.78 20.47
C GLN A 494 28.13 38.97 21.60
N VAL A 495 28.40 39.91 22.49
CA VAL A 495 27.49 40.13 23.62
C VAL A 495 27.02 41.57 23.68
N GLU A 496 25.73 41.76 23.93
CA GLU A 496 25.18 43.09 24.10
C GLU A 496 24.35 43.18 25.38
N LEU A 497 24.64 44.21 26.16
CA LEU A 497 23.96 44.45 27.43
C LEU A 497 23.14 45.72 27.37
N LEU A 498 21.86 45.59 27.72
CA LEU A 498 20.93 46.72 27.71
C LEU A 498 20.40 47.04 29.11
N LEU A 499 20.25 48.32 29.41
CA LEU A 499 19.71 48.75 30.68
C LEU A 499 18.34 49.40 30.55
N ASP A 500 17.38 48.87 31.31
CA ASP A 500 16.04 49.44 31.37
C ASP A 500 15.41 49.54 29.98
N LYS A 501 15.58 48.51 29.17
CA LYS A 501 15.05 48.51 27.81
C LYS A 501 13.64 47.95 27.73
N LEU A 502 13.15 47.42 28.84
CA LEU A 502 11.87 46.74 28.82
C LEU A 502 10.70 47.70 29.01
N LYS A 503 10.48 48.54 28.00
CA LYS A 503 9.42 49.53 28.04
C LYS A 503 9.09 50.08 26.65
N GLN A 504 8.02 50.85 26.57
CA GLN A 504 7.61 51.48 25.31
C GLN A 504 8.66 52.41 24.74
N LYS A 505 8.98 52.23 23.46
CA LYS A 505 9.95 53.07 22.78
C LYS A 505 9.50 54.53 22.84
N GLY A 506 10.43 55.41 23.20
CA GLY A 506 10.15 56.84 23.35
C GLY A 506 10.09 57.23 24.82
N ALA A 507 9.99 56.23 25.69
CA ALA A 507 9.99 56.43 27.12
C ALA A 507 11.42 56.69 27.59
N ILE A 508 11.58 57.33 28.75
CA ILE A 508 12.90 57.59 29.29
C ILE A 508 13.47 56.35 29.96
N ARG A 509 14.69 55.99 29.55
CA ARG A 509 15.40 54.89 30.19
C ARG A 509 16.15 55.48 31.37
N ARG A 510 15.97 54.89 32.56
CA ARG A 510 16.55 55.48 33.76
C ARG A 510 17.98 55.10 34.02
N ALA A 511 18.39 53.93 33.56
CA ALA A 511 19.73 53.44 33.87
C ALA A 511 20.66 53.59 32.67
N LEU A 512 21.80 54.24 32.92
CA LEU A 512 22.80 54.53 31.90
C LEU A 512 24.19 54.10 32.35
N PHE A 513 25.05 53.72 31.41
CA PHE A 513 26.43 53.44 31.75
C PHE A 513 27.17 54.77 31.77
N LEU A 514 27.85 55.06 32.88
CA LEU A 514 28.43 56.40 33.08
C LEU A 514 29.57 56.77 32.14
N TYR A 515 30.27 55.79 31.61
CA TYR A 515 31.38 56.10 30.72
C TYR A 515 30.89 56.70 29.40
N SER A 516 29.63 56.43 29.03
CA SER A 516 29.11 56.94 27.75
C SER A 516 27.73 57.59 27.86
N ARG A 517 27.13 57.56 29.06
CA ARG A 517 25.79 58.10 29.28
C ARG A 517 24.84 57.42 28.31
N SER A 518 24.96 56.11 28.22
CA SER A 518 24.17 55.32 27.29
C SER A 518 23.64 54.05 27.95
N PRO A 519 22.40 53.64 27.64
CA PRO A 519 21.76 52.45 28.15
C PRO A 519 22.17 51.17 27.44
N SER A 520 23.16 51.24 26.54
CA SER A 520 23.56 50.03 25.85
C SER A 520 25.06 49.94 25.60
N HIS A 521 25.57 48.72 25.60
CA HIS A 521 26.97 48.42 25.29
C HIS A 521 27.17 47.03 24.72
N SER A 522 28.08 46.90 23.76
CA SER A 522 28.39 45.60 23.21
C SER A 522 29.89 45.33 23.23
N LYS A 523 30.26 44.06 23.31
CA LYS A 523 31.67 43.69 23.33
C LYS A 523 31.99 42.47 22.46
N ASN A 524 33.21 42.48 21.92
CA ASN A 524 33.76 41.36 21.17
C ASN A 524 34.57 40.48 22.12
N MET A 525 34.09 39.26 22.39
CA MET A 525 34.77 38.43 23.38
C MET A 525 35.35 37.16 22.80
N THR A 526 36.57 36.83 23.20
CA THR A 526 37.17 35.57 22.81
C THR A 526 37.23 34.67 24.03
N ILE A 527 36.56 33.53 23.92
CA ILE A 527 36.44 32.63 25.05
C ILE A 527 37.02 31.26 24.76
N SER A 528 37.95 30.81 25.59
CA SER A 528 38.52 29.49 25.42
C SER A 528 37.56 28.45 25.95
N ARG A 529 37.21 27.48 25.12
CA ARG A 529 36.23 26.52 25.56
C ARG A 529 36.82 25.64 26.63
N GLY A 530 36.03 25.38 27.65
CA GLY A 530 36.46 24.53 28.76
C GLY A 530 37.31 25.31 29.75
N GLY A 531 37.45 26.62 29.54
CA GLY A 531 38.28 27.46 30.39
C GLY A 531 37.48 28.22 31.44
N LEU A 532 37.99 29.38 31.83
CA LEU A 532 37.38 30.19 32.88
C LEU A 532 36.31 31.08 32.29
N MET A 533 35.34 31.48 33.10
CA MET A 533 34.34 32.40 32.60
C MET A 533 35.02 33.72 32.36
N GLN A 534 34.74 34.33 31.22
CA GLN A 534 35.31 35.63 30.92
C GLN A 534 34.32 36.69 31.34
N CYS A 535 34.73 37.51 32.29
CA CYS A 535 33.84 38.49 32.87
C CYS A 535 34.15 39.91 32.47
N GLU A 536 33.16 40.76 32.61
CA GLU A 536 33.30 42.19 32.41
C GLU A 536 32.40 42.93 33.39
N GLU A 537 32.77 44.16 33.74
CA GLU A 537 31.97 44.98 34.65
C GLU A 537 31.84 46.41 34.18
N LEU A 538 30.60 46.89 34.11
CA LEU A 538 30.34 48.27 33.75
C LEU A 538 29.62 48.99 34.89
N ILE A 539 29.86 50.28 35.03
CA ILE A 539 29.19 51.01 36.09
C ILE A 539 28.03 51.80 35.53
N ALA A 540 26.85 51.53 36.07
CA ALA A 540 25.60 52.15 35.65
C ALA A 540 25.13 53.12 36.72
N TYR A 541 24.36 54.11 36.30
CA TYR A 541 23.83 55.06 37.25
C TYR A 541 22.42 55.42 36.89
N LEU A 542 21.69 55.95 37.86
CA LEU A 542 20.32 56.35 37.61
C LEU A 542 20.23 57.81 37.24
N ARG A 543 19.29 58.15 36.37
CA ARG A 543 19.03 59.56 36.09
C ARG A 543 18.57 60.21 37.38
N ASP A 544 18.89 61.50 37.54
CA ASP A 544 18.56 62.21 38.77
C ASP A 544 17.11 62.61 38.77
N GLU A 545 16.66 63.25 39.85
CA GLU A 545 15.26 63.59 39.98
C GLU A 545 14.93 64.87 39.21
N SER A 546 15.07 64.78 37.89
CA SER A 546 14.80 65.88 36.98
C SER A 546 14.52 65.33 35.58
N GLU A 547 14.94 64.08 35.35
CA GLU A 547 14.77 63.43 34.05
C GLU A 547 14.13 62.06 34.19
N PHE A 548 12.80 62.04 34.30
CA PHE A 548 12.13 60.78 34.56
C PHE A 548 10.64 60.80 34.19
N ARG A 549 10.05 59.60 34.12
CA ARG A 549 8.61 59.47 33.98
C ARG A 549 8.00 59.06 35.32
N ASP A 550 8.78 58.33 36.10
CA ASP A 550 8.42 57.87 37.44
C ASP A 550 9.71 57.76 38.26
N LYS A 551 9.57 57.42 39.53
CA LYS A 551 10.71 57.20 40.40
C LYS A 551 10.81 55.76 40.82
N LEU A 552 9.68 55.07 40.91
CA LEU A 552 9.72 53.71 41.43
C LEU A 552 9.28 52.69 40.41
N THR A 553 10.24 52.10 39.73
CA THR A 553 10.00 51.08 38.74
C THR A 553 11.05 49.96 38.93
N PRO A 554 10.80 48.75 38.44
CA PRO A 554 11.79 47.71 38.22
C PRO A 554 12.73 48.14 37.10
N ILE A 555 13.99 47.74 37.19
CA ILE A 555 14.93 47.97 36.10
C ILE A 555 15.32 46.65 35.48
N THR A 556 15.08 46.52 34.19
CA THR A 556 15.46 45.27 33.55
C THR A 556 16.88 45.34 33.06
N ILE A 557 17.68 44.38 33.49
CA ILE A 557 19.04 44.25 33.04
C ILE A 557 19.04 43.10 32.05
N PHE A 558 19.30 43.38 30.78
CA PHE A 558 19.16 42.34 29.77
C PHE A 558 20.44 42.03 29.01
N MET A 559 20.78 40.75 28.97
CA MET A 559 21.96 40.27 28.27
C MET A 559 21.63 39.36 27.11
N GLU A 560 22.14 39.70 25.94
CA GLU A 560 21.96 38.89 24.74
C GLU A 560 23.29 38.51 24.14
N TYR A 561 23.43 37.24 23.77
CA TYR A 561 24.67 36.84 23.14
C TYR A 561 24.46 35.89 21.99
N ARG A 562 25.42 35.87 21.09
CA ARG A 562 25.39 35.01 19.92
C ARG A 562 26.79 34.69 19.43
N LEU A 563 26.90 33.70 18.56
CA LEU A 563 28.18 33.38 17.94
C LEU A 563 28.45 34.28 16.75
N ASP A 564 29.73 34.53 16.52
CA ASP A 564 30.21 35.29 15.37
C ASP A 564 29.85 34.69 14.02
N TYR A 565 30.06 33.39 13.87
CA TYR A 565 29.83 32.64 12.63
C TYR A 565 30.65 33.09 11.43
N ARG A 566 31.83 33.68 11.66
CA ARG A 566 32.73 33.99 10.56
C ARG A 566 34.05 33.23 10.77
N THR A 567 34.54 33.25 12.01
CA THR A 567 35.79 32.56 12.34
C THR A 567 35.46 31.26 13.07
N ALA A 568 34.19 31.09 13.41
CA ALA A 568 33.73 29.94 14.17
C ALA A 568 33.49 28.75 13.27
N ALA A 569 34.57 28.11 12.83
CA ALA A 569 34.43 26.96 11.93
C ALA A 569 35.61 26.02 12.05
N ASP A 570 35.38 24.74 11.75
CA ASP A 570 36.48 23.78 11.72
C ASP A 570 37.15 23.81 10.34
N THR A 571 38.02 22.84 10.09
CA THR A 571 38.84 22.82 8.86
C THR A 571 38.05 22.52 7.59
N THR A 572 36.79 22.11 7.73
CA THR A 572 35.95 21.80 6.58
C THR A 572 34.93 22.91 6.38
N GLY A 573 34.98 23.93 7.25
CA GLY A 573 34.02 25.02 7.21
C GLY A 573 32.74 24.72 7.98
N LEU A 574 32.78 23.76 8.90
CA LEU A 574 31.59 23.41 9.66
C LEU A 574 31.50 24.26 10.90
N GLN A 575 30.41 25.01 11.01
CA GLN A 575 30.25 25.92 12.13
C GLN A 575 29.47 25.25 13.25
N PRO A 576 29.80 25.55 14.52
CA PRO A 576 29.12 25.08 15.70
C PRO A 576 27.82 25.84 15.87
N ILE A 577 26.90 25.26 16.61
CA ILE A 577 25.65 25.94 16.94
C ILE A 577 25.43 25.99 18.44
N LEU A 578 24.85 27.07 18.92
CA LEU A 578 24.53 27.15 20.34
C LEU A 578 23.40 26.19 20.63
N ASN A 579 23.43 25.57 21.80
CA ASN A 579 22.36 24.64 22.15
C ASN A 579 21.03 25.36 22.06
N GLN A 580 20.11 24.82 21.27
CA GLN A 580 18.84 25.50 21.03
C GLN A 580 17.81 25.23 22.10
N PHE A 581 18.20 24.47 23.10
CA PHE A 581 17.30 24.21 24.21
C PHE A 581 17.69 25.06 25.41
N THR A 582 18.61 26.00 25.20
CA THR A 582 19.01 26.92 26.25
C THR A 582 18.78 28.34 25.74
N PRO A 583 18.48 29.30 26.61
CA PRO A 583 18.31 30.70 26.27
C PRO A 583 19.64 31.37 25.95
N ALA A 584 19.60 32.34 25.06
CA ALA A 584 20.73 33.21 24.80
C ALA A 584 20.29 34.64 25.03
N ASN A 585 19.21 34.73 25.79
CA ASN A 585 18.54 35.96 26.15
C ASN A 585 18.15 35.86 27.61
N ILE A 586 18.93 36.46 28.48
CA ILE A 586 18.69 36.31 29.91
C ILE A 586 18.57 37.66 30.58
N SER A 587 17.95 37.71 31.75
CA SER A 587 17.80 38.98 32.43
C SER A 587 17.77 38.87 33.94
N ARG A 588 18.01 40.00 34.57
CA ARG A 588 17.91 40.17 36.01
C ARG A 588 17.18 41.45 36.33
N GLN A 589 16.53 41.49 37.47
CA GLN A 589 15.88 42.73 37.87
C GLN A 589 16.61 43.41 38.99
N ALA A 590 16.64 44.72 38.91
CA ALA A 590 17.13 45.56 40.00
C ALA A 590 15.96 46.40 40.42
N HIS A 591 15.92 46.85 41.66
CA HIS A 591 14.73 47.58 42.06
C HIS A 591 15.03 48.96 42.60
N ILE A 592 14.18 49.91 42.20
CA ILE A 592 14.35 51.27 42.64
C ILE A 592 13.51 51.53 43.88
N LEU A 593 14.16 52.11 44.90
CA LEU A 593 13.59 52.46 46.19
C LEU A 593 13.47 53.98 46.28
N VAL B 62 -19.72 43.87 9.07
CA VAL B 62 -19.86 42.42 8.95
C VAL B 62 -21.29 42.13 8.49
N HIS B 63 -21.43 41.29 7.44
CA HIS B 63 -22.74 40.95 6.85
C HIS B 63 -22.75 39.67 6.01
N VAL B 64 -23.95 39.19 5.73
CA VAL B 64 -24.16 38.07 4.82
C VAL B 64 -25.09 38.46 3.69
N ILE B 65 -24.62 38.25 2.46
CA ILE B 65 -25.41 38.55 1.28
C ILE B 65 -25.93 37.29 0.64
N ILE B 66 -27.25 37.21 0.54
CA ILE B 66 -27.88 36.10 -0.13
C ILE B 66 -28.41 36.64 -1.47
N PRO B 67 -27.89 36.19 -2.60
CA PRO B 67 -28.27 36.63 -3.92
C PRO B 67 -29.76 36.42 -4.15
N THR B 68 -30.35 37.34 -4.89
CA THR B 68 -31.77 37.29 -5.23
C THR B 68 -31.89 37.06 -6.73
N GLU B 69 -30.77 36.70 -7.33
CA GLU B 69 -30.65 36.41 -8.74
C GLU B 69 -31.24 35.05 -9.02
N ASN B 70 -31.60 34.81 -10.27
CA ASN B 70 -32.16 33.51 -10.61
C ASN B 70 -31.20 32.41 -10.16
N GLU B 71 -31.74 31.45 -9.42
CA GLU B 71 -30.98 30.34 -8.91
C GLU B 71 -30.90 29.25 -9.96
N ILE B 72 -29.85 28.44 -9.90
CA ILE B 72 -29.65 27.37 -10.87
C ILE B 72 -29.54 26.01 -10.21
N ASN B 73 -30.21 25.86 -9.08
CA ASN B 73 -30.18 24.65 -8.29
C ASN B 73 -31.59 24.29 -7.82
N THR B 74 -31.89 23.00 -7.73
CA THR B 74 -33.20 22.54 -7.29
C THR B 74 -33.20 21.91 -5.90
N GLN B 75 -32.04 21.45 -5.46
CA GLN B 75 -31.91 20.72 -4.21
C GLN B 75 -31.18 21.52 -3.15
N VAL B 76 -30.16 22.25 -3.59
CA VAL B 76 -29.33 23.01 -2.67
C VAL B 76 -29.51 24.48 -2.90
N THR B 77 -29.96 25.20 -1.87
CA THR B 77 -30.18 26.63 -2.01
C THR B 77 -29.95 27.36 -0.68
N PRO B 78 -29.34 28.54 -0.72
CA PRO B 78 -28.71 29.21 -1.84
C PRO B 78 -27.47 28.47 -2.31
N GLY B 79 -27.25 28.48 -3.62
CA GLY B 79 -26.09 27.83 -4.20
C GLY B 79 -24.91 28.79 -4.28
N GLU B 80 -25.13 30.00 -3.81
CA GLU B 80 -24.13 31.05 -3.80
C GLU B 80 -24.37 31.98 -2.62
N VAL B 81 -23.33 32.18 -1.81
CA VAL B 81 -23.38 33.07 -0.66
C VAL B 81 -22.14 33.95 -0.63
N SER B 82 -22.28 35.22 -0.28
CA SER B 82 -21.10 36.09 -0.18
C SER B 82 -21.10 36.83 1.14
N ILE B 83 -20.02 36.71 1.90
CA ILE B 83 -20.00 37.33 3.22
C ILE B 83 -18.81 38.24 3.41
N GLN B 84 -18.94 39.15 4.37
CA GLN B 84 -17.89 40.07 4.77
C GLN B 84 -17.51 39.90 6.22
N LEU B 85 -16.25 39.57 6.46
CA LEU B 85 -15.75 39.39 7.82
C LEU B 85 -14.65 40.37 8.18
N ARG B 86 -14.50 40.55 9.49
CA ARG B 86 -13.48 41.35 10.14
C ARG B 86 -12.94 40.43 11.24
N PRO B 87 -11.69 40.56 11.68
CA PRO B 87 -11.11 39.67 12.66
C PRO B 87 -11.93 39.70 13.94
N GLY B 88 -12.24 38.52 14.48
CA GLY B 88 -13.04 38.41 15.69
C GLY B 88 -14.53 38.31 15.38
N ALA B 89 -14.88 38.51 14.12
CA ALA B 89 -16.27 38.47 13.68
C ALA B 89 -16.76 37.07 13.38
N GLU B 90 -18.08 36.92 13.42
CA GLU B 90 -18.72 35.70 12.98
C GLU B 90 -19.96 36.08 12.19
N ALA B 91 -20.37 35.19 11.29
CA ALA B 91 -21.59 35.39 10.54
C ALA B 91 -22.20 34.04 10.18
N ASN B 92 -23.51 33.99 10.00
CA ASN B 92 -24.11 32.73 9.62
C ASN B 92 -25.35 32.82 8.76
N PHE B 93 -25.75 31.66 8.25
CA PHE B 93 -26.92 31.51 7.41
C PHE B 93 -27.41 30.07 7.43
N MET B 94 -28.63 29.86 6.94
CA MET B 94 -29.11 28.50 6.80
C MET B 94 -29.02 28.05 5.36
N LEU B 95 -28.48 26.84 5.17
CA LEU B 95 -28.39 26.21 3.87
C LEU B 95 -29.44 25.12 3.76
N LYS B 96 -30.26 25.18 2.73
CA LYS B 96 -31.32 24.20 2.59
C LYS B 96 -30.93 23.06 1.68
N VAL B 97 -31.20 21.83 2.12
CA VAL B 97 -31.02 20.66 1.27
C VAL B 97 -32.34 19.91 1.16
N HIS B 98 -32.84 19.79 -0.07
CA HIS B 98 -34.12 19.14 -0.31
C HIS B 98 -34.04 18.12 -1.44
N PRO B 99 -33.85 16.83 -1.13
CA PRO B 99 -33.71 15.73 -2.06
C PRO B 99 -34.93 15.61 -2.96
N LEU B 100 -34.70 15.15 -4.17
CA LEU B 100 -35.76 14.97 -5.15
C LEU B 100 -36.24 13.55 -5.16
N LYS B 101 -37.43 13.34 -5.67
CA LYS B 101 -37.90 12.00 -5.92
C LYS B 101 -37.76 11.73 -7.39
N LYS B 102 -37.74 10.47 -7.79
CA LYS B 102 -37.69 10.12 -9.20
C LYS B 102 -36.49 10.73 -9.94
N TYR B 103 -35.29 10.43 -9.44
CA TYR B 103 -34.04 10.90 -10.05
C TYR B 103 -33.72 10.13 -11.33
N PRO B 104 -32.97 10.73 -12.25
CA PRO B 104 -32.20 10.00 -13.23
C PRO B 104 -31.13 9.26 -12.46
N VAL B 105 -30.90 7.99 -12.77
CA VAL B 105 -29.93 7.19 -12.06
C VAL B 105 -28.97 6.46 -12.99
N ASP B 106 -27.69 6.61 -12.73
CA ASP B 106 -26.65 5.93 -13.50
C ASP B 106 -26.00 4.83 -12.68
N LEU B 107 -26.28 3.57 -13.02
CA LEU B 107 -25.70 2.49 -12.24
C LEU B 107 -24.62 1.75 -13.01
N TYR B 108 -23.40 1.81 -12.51
CA TYR B 108 -22.29 1.17 -13.17
C TYR B 108 -21.87 -0.06 -12.40
N TYR B 109 -21.82 -1.20 -13.07
CA TYR B 109 -21.37 -2.43 -12.43
C TYR B 109 -19.89 -2.66 -12.61
N LEU B 110 -19.15 -2.58 -11.53
CA LEU B 110 -17.73 -2.83 -11.54
C LEU B 110 -17.53 -4.18 -10.89
N VAL B 111 -17.20 -5.18 -11.70
CA VAL B 111 -17.21 -6.53 -11.21
C VAL B 111 -15.85 -7.20 -11.13
N ASP B 112 -15.62 -7.83 -9.99
CA ASP B 112 -14.45 -8.65 -9.75
C ASP B 112 -14.55 -9.91 -10.56
N VAL B 113 -13.62 -10.12 -11.47
CA VAL B 113 -13.69 -11.27 -12.35
C VAL B 113 -12.56 -12.26 -12.15
N SER B 114 -11.97 -12.26 -10.96
CA SER B 114 -10.99 -13.29 -10.63
C SER B 114 -11.76 -14.60 -10.45
N ALA B 115 -11.06 -15.73 -10.49
CA ALA B 115 -11.71 -17.04 -10.56
C ALA B 115 -12.76 -17.34 -9.49
N SER B 116 -12.60 -16.88 -8.26
CA SER B 116 -13.59 -17.26 -7.23
C SER B 116 -14.97 -16.67 -7.48
N MET B 117 -15.06 -15.68 -8.36
CA MET B 117 -16.32 -14.99 -8.63
C MET B 117 -17.13 -15.64 -9.74
N HIS B 118 -16.60 -16.70 -10.33
CA HIS B 118 -17.28 -17.35 -11.44
C HIS B 118 -18.74 -17.68 -11.15
N ASN B 119 -19.02 -18.17 -9.95
CA ASN B 119 -20.35 -18.63 -9.60
C ASN B 119 -21.30 -17.51 -9.21
N ASN B 120 -20.80 -16.28 -9.19
CA ASN B 120 -21.65 -15.13 -8.91
C ASN B 120 -21.89 -14.34 -10.18
N ILE B 121 -20.89 -14.34 -11.05
CA ILE B 121 -20.95 -13.60 -12.31
C ILE B 121 -22.04 -14.15 -13.19
N GLU B 122 -22.19 -15.47 -13.21
CA GLU B 122 -23.22 -16.09 -14.04
C GLU B 122 -24.63 -15.64 -13.65
N LYS B 123 -24.79 -15.06 -12.46
CA LYS B 123 -26.10 -14.65 -11.99
C LYS B 123 -26.41 -13.22 -12.41
N LEU B 124 -25.44 -12.53 -12.98
CA LEU B 124 -25.66 -11.16 -13.44
C LEU B 124 -26.48 -11.16 -14.71
N ASN B 125 -26.65 -12.34 -15.29
CA ASN B 125 -27.41 -12.49 -16.52
C ASN B 125 -28.91 -12.33 -16.28
N SER B 126 -29.31 -12.34 -15.00
CA SER B 126 -30.71 -12.18 -14.63
C SER B 126 -30.99 -10.77 -14.12
N VAL B 127 -29.98 -9.94 -14.11
CA VAL B 127 -30.08 -8.60 -13.54
C VAL B 127 -30.67 -7.53 -14.45
N GLY B 128 -30.27 -7.51 -15.70
CA GLY B 128 -30.67 -6.42 -16.58
C GLY B 128 -32.15 -6.06 -16.48
N ASN B 129 -33.02 -6.91 -17.01
CA ASN B 129 -34.44 -6.56 -17.05
C ASN B 129 -35.13 -6.52 -15.70
N ASP B 130 -34.70 -7.37 -14.77
CA ASP B 130 -35.39 -7.42 -13.48
C ASP B 130 -35.11 -6.19 -12.65
N LEU B 131 -33.86 -5.72 -12.68
CA LEU B 131 -33.49 -4.55 -11.92
C LEU B 131 -34.13 -3.32 -12.52
N SER B 132 -34.20 -3.26 -13.85
CA SER B 132 -34.79 -2.12 -14.51
C SER B 132 -36.24 -1.96 -14.09
N ARG B 133 -36.96 -3.08 -13.99
CA ARG B 133 -38.35 -3.02 -13.54
C ARG B 133 -38.47 -2.52 -12.09
N LYS B 134 -37.64 -3.03 -11.19
CA LYS B 134 -37.75 -2.62 -9.79
C LYS B 134 -37.45 -1.14 -9.59
N MET B 135 -36.46 -0.63 -10.32
CA MET B 135 -36.07 0.76 -10.19
C MET B 135 -37.10 1.74 -10.72
N ALA B 136 -38.12 1.24 -11.39
CA ALA B 136 -39.15 2.07 -11.98
C ALA B 136 -39.92 2.84 -10.93
N PHE B 137 -39.84 2.38 -9.68
CA PHE B 137 -40.57 3.01 -8.60
C PHE B 137 -39.68 3.92 -7.75
N PHE B 138 -38.41 4.02 -8.10
CA PHE B 138 -37.47 4.82 -7.32
C PHE B 138 -36.79 5.90 -8.17
N SER B 139 -36.83 5.73 -9.48
CA SER B 139 -36.16 6.62 -10.42
C SER B 139 -37.07 6.92 -11.60
N ARG B 140 -36.66 7.88 -12.43
CA ARG B 140 -37.40 8.19 -13.64
C ARG B 140 -36.67 7.72 -14.88
N ASP B 141 -35.35 7.68 -14.80
CA ASP B 141 -34.52 7.33 -15.96
C ASP B 141 -33.34 6.48 -15.51
N PHE B 142 -33.43 5.17 -15.72
CA PHE B 142 -32.43 4.26 -15.20
C PHE B 142 -31.54 3.64 -16.27
N ARG B 143 -30.23 3.86 -16.13
CA ARG B 143 -29.23 3.37 -17.09
C ARG B 143 -28.27 2.38 -16.44
N LEU B 144 -27.79 1.42 -17.21
CA LEU B 144 -26.82 0.46 -16.73
C LEU B 144 -25.51 0.52 -17.49
N GLY B 145 -24.41 0.32 -16.77
CA GLY B 145 -23.10 0.21 -17.41
C GLY B 145 -22.36 -1.00 -16.84
N PHE B 146 -21.17 -1.27 -17.38
CA PHE B 146 -20.44 -2.45 -16.93
C PHE B 146 -18.93 -2.41 -17.21
N GLY B 147 -18.16 -2.90 -16.26
CA GLY B 147 -16.73 -3.08 -16.45
C GLY B 147 -16.20 -4.11 -15.48
N SER B 148 -14.91 -4.42 -15.58
CA SER B 148 -14.37 -5.45 -14.72
C SER B 148 -12.92 -5.24 -14.35
N TYR B 149 -12.51 -5.89 -13.27
CA TYR B 149 -11.13 -5.77 -12.82
C TYR B 149 -10.63 -7.05 -12.19
N VAL B 150 -9.31 -7.21 -12.13
CA VAL B 150 -8.73 -8.32 -11.41
C VAL B 150 -7.66 -7.85 -10.45
N ASP B 151 -6.50 -7.49 -10.99
CA ASP B 151 -5.37 -7.15 -10.14
C ASP B 151 -4.27 -6.50 -10.95
N LYS B 152 -3.17 -6.13 -10.30
CA LYS B 152 -2.06 -5.60 -11.06
C LYS B 152 -1.31 -6.74 -11.71
N THR B 153 -1.11 -6.65 -13.01
CA THR B 153 -0.48 -7.72 -13.78
C THR B 153 1.03 -7.75 -13.67
N VAL B 154 1.50 -7.92 -12.44
CA VAL B 154 2.92 -7.99 -12.14
C VAL B 154 3.21 -9.14 -11.17
N SER B 155 4.45 -9.60 -11.18
CA SER B 155 4.87 -10.55 -10.17
C SER B 155 4.87 -9.80 -8.84
N PRO B 156 4.54 -10.45 -7.72
CA PRO B 156 4.16 -11.83 -7.48
C PRO B 156 2.66 -12.09 -7.57
N TYR B 157 1.89 -11.13 -8.08
CA TYR B 157 0.44 -11.25 -8.02
C TYR B 157 -0.07 -12.22 -9.06
N ILE B 158 0.65 -12.28 -10.17
CA ILE B 158 0.34 -13.21 -11.25
C ILE B 158 1.57 -14.03 -11.59
N SER B 159 1.37 -15.17 -12.25
CA SER B 159 2.50 -15.93 -12.74
C SER B 159 3.07 -15.19 -13.93
N ILE B 160 4.38 -15.24 -14.08
CA ILE B 160 5.00 -14.63 -15.24
C ILE B 160 5.72 -15.66 -16.10
N HIS B 161 5.44 -16.94 -15.86
CA HIS B 161 6.03 -17.99 -16.68
C HIS B 161 5.32 -18.00 -18.03
N PRO B 162 6.03 -18.05 -19.16
CA PRO B 162 5.51 -18.06 -20.52
C PRO B 162 4.40 -19.08 -20.80
N GLU B 163 4.42 -20.24 -20.14
CA GLU B 163 3.39 -21.22 -20.42
C GLU B 163 2.16 -21.06 -19.55
N ARG B 164 2.36 -20.56 -18.33
CA ARG B 164 1.21 -20.42 -17.45
C ARG B 164 0.43 -19.17 -17.79
N ILE B 165 1.14 -18.10 -18.15
CA ILE B 165 0.47 -16.84 -18.47
C ILE B 165 -0.42 -16.99 -19.68
N HIS B 166 -0.07 -17.91 -20.57
CA HIS B 166 -0.83 -18.19 -21.77
C HIS B 166 -2.26 -18.62 -21.43
N ASN B 167 -2.39 -19.54 -20.47
CA ASN B 167 -3.72 -20.01 -20.06
C ASN B 167 -4.28 -19.23 -18.88
N GLN B 168 -3.39 -18.64 -18.08
CA GLN B 168 -3.72 -17.89 -16.86
C GLN B 168 -4.42 -18.70 -15.73
N CYS B 169 -4.44 -20.02 -15.84
CA CYS B 169 -4.96 -20.92 -14.82
C CYS B 169 -4.51 -22.35 -15.11
N SER B 170 -4.71 -23.25 -14.13
CA SER B 170 -4.37 -24.68 -14.23
C SER B 170 -5.54 -25.51 -14.74
N ASP B 171 -6.67 -24.87 -14.94
CA ASP B 171 -7.87 -25.56 -15.38
C ASP B 171 -7.90 -25.65 -16.91
N TYR B 172 -7.84 -26.87 -17.45
CA TYR B 172 -7.78 -27.04 -18.90
C TYR B 172 -9.14 -27.34 -19.51
N ASN B 173 -10.18 -27.22 -18.70
CA ASN B 173 -11.54 -27.42 -19.17
C ASN B 173 -12.06 -26.06 -19.59
N LEU B 174 -11.88 -25.11 -18.70
CA LEU B 174 -12.33 -23.75 -18.88
C LEU B 174 -11.25 -22.86 -19.45
N ASP B 175 -11.61 -22.01 -20.39
CA ASP B 175 -10.68 -21.04 -20.93
C ASP B 175 -10.71 -19.74 -20.14
N CYS B 176 -9.62 -19.44 -19.42
CA CYS B 176 -9.49 -18.23 -18.62
C CYS B 176 -8.95 -17.13 -19.55
N MET B 177 -9.44 -15.90 -19.38
CA MET B 177 -8.96 -14.75 -20.17
C MET B 177 -7.67 -14.24 -19.53
N PRO B 178 -6.84 -13.48 -20.24
CA PRO B 178 -5.65 -12.85 -19.72
C PRO B 178 -6.05 -11.96 -18.55
N PRO B 179 -5.16 -11.78 -17.58
CA PRO B 179 -5.36 -10.96 -16.41
C PRO B 179 -5.30 -9.52 -16.83
N HIS B 180 -5.94 -8.65 -16.08
CA HIS B 180 -5.87 -7.24 -16.36
C HIS B 180 -6.10 -6.44 -15.10
N GLY B 181 -5.79 -5.15 -15.17
CA GLY B 181 -6.05 -4.25 -14.06
C GLY B 181 -7.50 -3.85 -14.08
N TYR B 182 -7.83 -2.86 -14.91
CA TYR B 182 -9.20 -2.43 -15.10
C TYR B 182 -9.55 -2.20 -16.55
N ILE B 183 -10.65 -2.81 -16.98
CA ILE B 183 -11.18 -2.64 -18.33
C ILE B 183 -12.62 -2.20 -18.33
N HIS B 184 -12.90 -1.17 -19.11
CA HIS B 184 -14.24 -0.66 -19.30
C HIS B 184 -14.88 -1.45 -20.44
N VAL B 185 -16.07 -1.98 -20.23
CA VAL B 185 -16.68 -2.81 -21.24
C VAL B 185 -17.87 -2.14 -21.90
N LEU B 186 -18.79 -1.65 -21.09
CA LEU B 186 -20.02 -1.05 -21.59
C LEU B 186 -20.25 0.33 -21.00
N SER B 187 -20.38 1.31 -21.86
CA SER B 187 -20.64 2.67 -21.41
C SER B 187 -22.04 2.71 -20.84
N LEU B 188 -22.27 3.60 -19.89
CA LEU B 188 -23.59 3.69 -19.30
C LEU B 188 -24.62 3.93 -20.39
N THR B 189 -25.67 3.12 -20.39
CA THR B 189 -26.68 3.20 -21.43
C THR B 189 -28.08 2.84 -21.00
N GLU B 190 -29.03 3.38 -21.74
CA GLU B 190 -30.45 3.08 -21.59
C GLU B 190 -30.83 1.66 -22.06
N ASN B 191 -29.94 1.03 -22.85
CA ASN B 191 -30.17 -0.28 -23.47
C ASN B 191 -29.84 -1.42 -22.50
N ILE B 192 -30.89 -2.07 -21.99
CA ILE B 192 -30.80 -3.18 -21.04
C ILE B 192 -30.20 -4.40 -21.71
N THR B 193 -30.59 -4.64 -22.96
CA THR B 193 -30.07 -5.78 -23.69
C THR B 193 -28.55 -5.72 -23.75
N GLU B 194 -27.99 -4.54 -24.00
CA GLU B 194 -26.53 -4.42 -24.07
C GLU B 194 -25.90 -4.79 -22.75
N PHE B 195 -26.53 -4.41 -21.64
CA PHE B 195 -26.01 -4.78 -20.33
C PHE B 195 -25.94 -6.30 -20.20
N GLU B 196 -27.03 -6.96 -20.53
CA GLU B 196 -27.09 -8.41 -20.39
C GLU B 196 -26.06 -9.08 -21.32
N LYS B 197 -25.87 -8.54 -22.52
CA LYS B 197 -24.90 -9.10 -23.44
C LYS B 197 -23.47 -8.90 -22.94
N ALA B 198 -23.19 -7.74 -22.36
CA ALA B 198 -21.86 -7.45 -21.84
C ALA B 198 -21.49 -8.45 -20.77
N VAL B 199 -22.48 -8.83 -19.98
CA VAL B 199 -22.31 -9.82 -18.94
C VAL B 199 -22.21 -11.24 -19.50
N HIS B 200 -23.09 -11.56 -20.43
CA HIS B 200 -23.18 -12.90 -20.98
C HIS B 200 -21.87 -13.39 -21.58
N ARG B 201 -21.16 -12.51 -22.27
CA ARG B 201 -19.91 -12.89 -22.91
C ARG B 201 -18.69 -12.65 -22.02
N GLN B 202 -18.91 -12.34 -20.75
CA GLN B 202 -17.78 -12.07 -19.86
C GLN B 202 -17.10 -13.35 -19.39
N LYS B 203 -15.82 -13.45 -19.70
CA LYS B 203 -15.01 -14.59 -19.30
C LYS B 203 -14.40 -14.35 -17.93
N ILE B 204 -14.00 -15.43 -17.30
CA ILE B 204 -13.39 -15.36 -15.98
C ILE B 204 -11.87 -15.35 -16.10
N SER B 205 -11.21 -14.61 -15.22
CA SER B 205 -9.75 -14.53 -15.18
C SER B 205 -9.22 -15.12 -13.89
N GLY B 206 -8.01 -14.74 -13.52
CA GLY B 206 -7.40 -15.27 -12.31
C GLY B 206 -6.08 -14.60 -11.97
N ASN B 207 -5.52 -15.04 -10.86
CA ASN B 207 -4.27 -14.52 -10.31
C ASN B 207 -3.75 -15.51 -9.27
N ILE B 208 -2.65 -15.17 -8.61
CA ILE B 208 -2.14 -16.01 -7.55
C ILE B 208 -2.61 -15.54 -6.18
N ASP B 209 -2.52 -14.23 -5.92
CA ASP B 209 -2.87 -13.72 -4.59
C ASP B 209 -4.37 -13.45 -4.45
N THR B 210 -4.93 -13.85 -3.32
CA THR B 210 -6.35 -13.67 -3.06
C THR B 210 -6.89 -12.22 -3.10
N PRO B 211 -6.25 -11.23 -2.45
CA PRO B 211 -6.70 -9.84 -2.44
C PRO B 211 -6.75 -9.29 -3.85
N GLU B 212 -7.66 -8.35 -4.11
CA GLU B 212 -7.84 -7.81 -5.47
C GLU B 212 -7.63 -6.30 -5.58
N GLY B 213 -7.41 -5.83 -6.82
CA GLY B 213 -7.19 -4.41 -7.10
C GLY B 213 -8.50 -3.63 -7.22
N GLY B 214 -9.35 -3.78 -6.21
CA GLY B 214 -10.66 -3.16 -6.18
C GLY B 214 -10.60 -1.64 -6.13
N PHE B 215 -9.80 -1.11 -5.22
CA PHE B 215 -9.74 0.33 -5.02
C PHE B 215 -9.13 1.03 -6.23
N ASP B 216 -8.22 0.35 -6.91
CA ASP B 216 -7.55 0.92 -8.07
C ASP B 216 -8.56 1.03 -9.21
N ALA B 217 -9.33 -0.03 -9.43
CA ALA B 217 -10.34 -0.01 -10.47
C ALA B 217 -11.40 1.03 -10.16
N MET B 218 -11.78 1.15 -8.89
CA MET B 218 -12.79 2.12 -8.50
C MET B 218 -12.39 3.53 -8.81
N LEU B 219 -11.14 3.89 -8.51
CA LEU B 219 -10.72 5.24 -8.78
C LEU B 219 -10.85 5.53 -10.27
N GLN B 220 -10.39 4.63 -11.12
CA GLN B 220 -10.48 4.91 -12.54
C GLN B 220 -11.93 5.01 -13.00
N ALA B 221 -12.79 4.15 -12.46
CA ALA B 221 -14.19 4.17 -12.81
C ALA B 221 -14.84 5.49 -12.40
N ALA B 222 -14.40 6.04 -11.27
CA ALA B 222 -14.96 7.28 -10.76
C ALA B 222 -14.43 8.52 -11.48
N VAL B 223 -13.14 8.53 -11.79
CA VAL B 223 -12.48 9.68 -12.37
C VAL B 223 -12.67 9.85 -13.89
N CYS B 224 -12.62 8.76 -14.67
CA CYS B 224 -12.70 8.79 -16.13
C CYS B 224 -14.14 9.01 -16.63
N GLU B 225 -14.71 10.16 -16.28
CA GLU B 225 -16.10 10.53 -16.56
C GLU B 225 -16.49 10.50 -18.03
N SER B 226 -15.58 10.96 -18.88
CA SER B 226 -15.83 11.04 -20.31
C SER B 226 -15.82 9.68 -20.99
N HIS B 227 -15.33 8.66 -20.29
CA HIS B 227 -15.25 7.32 -20.86
C HIS B 227 -16.38 6.45 -20.36
N ILE B 228 -16.72 6.61 -19.09
CA ILE B 228 -17.79 5.84 -18.48
C ILE B 228 -19.13 6.36 -18.99
N GLY B 229 -19.24 7.67 -19.13
CA GLY B 229 -20.48 8.29 -19.55
C GLY B 229 -21.36 8.63 -18.38
N TRP B 230 -20.75 9.09 -17.29
CA TRP B 230 -21.56 9.48 -16.14
C TRP B 230 -22.28 10.77 -16.51
N ARG B 231 -23.55 10.87 -16.18
CA ARG B 231 -24.27 12.12 -16.43
C ARG B 231 -24.18 13.04 -15.23
N LYS B 232 -24.11 14.34 -15.49
CA LYS B 232 -24.14 15.30 -14.41
C LYS B 232 -25.54 15.33 -13.82
N GLU B 233 -26.53 15.21 -14.69
CA GLU B 233 -27.91 15.23 -14.29
C GLU B 233 -28.36 13.84 -13.89
N ALA B 234 -27.70 13.28 -12.89
CA ALA B 234 -28.03 11.94 -12.44
C ALA B 234 -27.45 11.64 -11.07
N LYS B 235 -28.05 10.66 -10.42
CA LYS B 235 -27.51 10.12 -9.19
C LYS B 235 -26.51 9.07 -9.62
N ARG B 236 -25.24 9.28 -9.29
CA ARG B 236 -24.19 8.40 -9.78
C ARG B 236 -23.89 7.27 -8.80
N LEU B 237 -24.19 6.03 -9.21
CA LEU B 237 -24.01 4.87 -8.35
C LEU B 237 -22.91 3.95 -8.87
N LEU B 238 -21.89 3.72 -8.06
CA LEU B 238 -20.81 2.82 -8.44
C LEU B 238 -20.90 1.57 -7.60
N LEU B 239 -21.29 0.47 -8.22
CA LEU B 239 -21.51 -0.77 -7.52
C LEU B 239 -20.32 -1.71 -7.69
N VAL B 240 -19.72 -2.08 -6.57
CA VAL B 240 -18.53 -2.91 -6.58
C VAL B 240 -18.86 -4.31 -6.08
N MET B 241 -18.71 -5.28 -6.97
CA MET B 241 -19.08 -6.67 -6.65
C MET B 241 -17.88 -7.57 -6.45
N THR B 242 -17.76 -8.13 -5.25
CA THR B 242 -16.63 -9.00 -4.92
C THR B 242 -16.96 -9.99 -3.80
N ASP B 243 -15.93 -10.63 -3.27
CA ASP B 243 -16.07 -11.57 -2.17
C ASP B 243 -14.81 -11.51 -1.33
N GLN B 244 -13.78 -10.89 -1.91
CA GLN B 244 -12.48 -10.78 -1.25
C GLN B 244 -12.16 -9.36 -0.88
N THR B 245 -11.19 -9.19 0.01
CA THR B 245 -10.76 -7.86 0.40
C THR B 245 -9.89 -7.26 -0.69
N SER B 246 -9.64 -5.96 -0.61
CA SER B 246 -8.81 -5.28 -1.58
C SER B 246 -7.41 -4.99 -1.08
N HIS B 247 -6.53 -4.78 -2.04
CA HIS B 247 -5.16 -4.33 -1.80
C HIS B 247 -5.14 -2.88 -1.33
N LEU B 248 -4.15 -2.55 -0.51
CA LEU B 248 -3.95 -1.21 0.00
C LEU B 248 -2.82 -0.53 -0.76
N ALA B 249 -2.73 0.78 -0.62
CA ALA B 249 -1.76 1.58 -1.37
C ALA B 249 -0.33 1.12 -1.21
N LEU B 250 0.04 0.66 -0.03
CA LEU B 250 1.42 0.32 0.22
C LEU B 250 1.75 -1.15 -0.04
N ASP B 251 0.76 -1.94 -0.45
CA ASP B 251 0.97 -3.36 -0.70
C ASP B 251 1.83 -3.56 -1.94
N SER B 252 1.81 -2.57 -2.82
CA SER B 252 2.48 -2.63 -4.10
C SER B 252 4.00 -2.67 -3.99
N LYS B 253 4.54 -2.35 -2.81
CA LYS B 253 5.99 -2.39 -2.66
C LYS B 253 6.52 -3.78 -3.00
N LEU B 254 5.71 -4.81 -2.72
CA LEU B 254 6.11 -6.19 -2.95
C LEU B 254 6.36 -6.47 -4.43
N ALA B 255 5.68 -5.73 -5.30
CA ALA B 255 5.80 -5.93 -6.73
C ALA B 255 6.86 -5.03 -7.34
N GLY B 256 7.52 -4.23 -6.50
CA GLY B 256 8.49 -3.29 -7.00
C GLY B 256 7.84 -2.00 -7.49
N ILE B 257 6.63 -1.71 -7.04
CA ILE B 257 5.98 -0.49 -7.47
C ILE B 257 5.98 0.49 -6.32
N VAL B 258 6.79 1.54 -6.47
CA VAL B 258 6.97 2.53 -5.42
C VAL B 258 6.56 3.92 -5.89
N VAL B 259 5.86 3.95 -7.01
CA VAL B 259 5.38 5.18 -7.61
C VAL B 259 3.94 5.46 -7.17
N PRO B 260 3.67 6.63 -6.56
CA PRO B 260 2.38 6.99 -6.00
C PRO B 260 1.33 7.14 -7.10
N ASN B 261 0.08 6.88 -6.74
CA ASN B 261 -1.05 7.02 -7.65
C ASN B 261 -1.43 8.49 -7.73
N ASP B 262 -1.39 9.08 -8.93
CA ASP B 262 -1.64 10.50 -9.05
C ASP B 262 -3.10 10.89 -9.07
N GLY B 263 -3.99 9.90 -9.05
CA GLY B 263 -5.41 10.16 -9.01
C GLY B 263 -6.01 10.59 -10.35
N ASN B 264 -5.25 10.46 -11.43
CA ASN B 264 -5.75 10.90 -12.73
C ASN B 264 -6.39 9.74 -13.50
N CYS B 265 -6.96 10.06 -14.68
CA CYS B 265 -7.56 9.08 -15.59
C CYS B 265 -6.49 8.59 -16.58
N HIS B 266 -6.32 7.26 -16.68
CA HIS B 266 -5.33 6.65 -17.57
C HIS B 266 -5.92 5.56 -18.44
N LEU B 267 -6.96 5.87 -19.20
CA LEU B 267 -7.53 4.88 -20.10
C LEU B 267 -7.15 5.18 -21.54
N LYS B 268 -6.88 4.13 -22.28
CA LYS B 268 -6.66 4.25 -23.71
C LYS B 268 -7.86 3.69 -24.44
N ASN B 269 -7.73 2.50 -24.99
CA ASN B 269 -8.86 1.86 -25.65
C ASN B 269 -9.71 1.12 -24.64
N ASN B 270 -10.26 1.88 -23.68
CA ASN B 270 -11.03 1.37 -22.56
C ASN B 270 -10.18 0.53 -21.60
N VAL B 271 -8.87 0.64 -21.73
CA VAL B 271 -7.97 -0.13 -20.89
C VAL B 271 -7.11 0.75 -20.02
N TYR B 272 -7.03 0.41 -18.75
CA TYR B 272 -6.18 1.12 -17.80
C TYR B 272 -4.74 0.68 -18.00
N VAL B 273 -3.89 1.61 -18.40
CA VAL B 273 -2.52 1.25 -18.82
C VAL B 273 -1.41 1.65 -17.85
N LYS B 274 -1.76 2.25 -16.74
CA LYS B 274 -0.74 2.60 -15.75
C LYS B 274 -0.81 1.66 -14.57
N SER B 275 -1.64 0.62 -14.69
CA SER B 275 -1.87 -0.30 -13.60
C SER B 275 -0.60 -1.01 -13.12
N THR B 276 0.38 -1.18 -14.01
CA THR B 276 1.60 -1.87 -13.63
C THR B 276 2.73 -0.94 -13.22
N THR B 277 2.49 0.37 -13.26
CA THR B 277 3.56 1.31 -12.90
C THR B 277 3.21 2.13 -11.67
N MET B 278 1.91 2.31 -11.42
CA MET B 278 1.45 3.08 -10.28
C MET B 278 0.88 2.16 -9.21
N GLU B 279 1.06 2.52 -7.95
CA GLU B 279 0.55 1.72 -6.86
C GLU B 279 -0.95 1.89 -6.68
N HIS B 280 -1.51 1.17 -5.73
CA HIS B 280 -2.94 1.24 -5.44
C HIS B 280 -3.18 2.58 -4.75
N PRO B 281 -4.35 3.19 -4.89
CA PRO B 281 -4.73 4.40 -4.20
C PRO B 281 -4.97 4.12 -2.74
N SER B 282 -4.80 5.12 -1.90
CA SER B 282 -5.12 5.01 -0.49
C SER B 282 -6.60 5.23 -0.28
N LEU B 283 -7.10 4.93 0.92
CA LEU B 283 -8.52 5.20 1.17
C LEU B 283 -8.77 6.69 1.17
N GLY B 284 -7.78 7.47 1.62
CA GLY B 284 -7.90 8.92 1.63
C GLY B 284 -8.11 9.44 0.22
N GLN B 285 -7.29 8.97 -0.72
CA GLN B 285 -7.40 9.38 -2.12
C GLN B 285 -8.70 8.89 -2.72
N LEU B 286 -9.11 7.69 -2.33
CA LEU B 286 -10.30 7.10 -2.89
C LEU B 286 -11.54 7.87 -2.49
N SER B 287 -11.65 8.23 -1.22
CA SER B 287 -12.85 8.95 -0.79
C SER B 287 -12.84 10.35 -1.36
N GLU B 288 -11.66 10.94 -1.51
CA GLU B 288 -11.58 12.28 -2.05
C GLU B 288 -12.11 12.32 -3.46
N LYS B 289 -11.70 11.36 -4.28
CA LYS B 289 -12.14 11.33 -5.67
C LYS B 289 -13.61 10.94 -5.80
N LEU B 290 -14.07 10.02 -4.96
CA LEU B 290 -15.46 9.62 -5.06
C LEU B 290 -16.38 10.77 -4.70
N ILE B 291 -16.02 11.53 -3.67
CA ILE B 291 -16.87 12.63 -3.27
C ILE B 291 -16.79 13.73 -4.31
N ASP B 292 -15.59 14.03 -4.79
CA ASP B 292 -15.40 15.10 -5.77
C ASP B 292 -16.19 14.84 -7.05
N ASN B 293 -16.32 13.58 -7.44
CA ASN B 293 -17.04 13.23 -8.65
C ASN B 293 -18.50 12.85 -8.38
N ASN B 294 -18.95 13.10 -7.16
CA ASN B 294 -20.33 12.87 -6.74
C ASN B 294 -20.79 11.44 -6.92
N ILE B 295 -19.93 10.48 -6.60
CA ILE B 295 -20.28 9.07 -6.75
C ILE B 295 -20.54 8.36 -5.44
N ASN B 296 -21.70 7.73 -5.38
CA ASN B 296 -22.14 6.97 -4.22
C ASN B 296 -21.77 5.51 -4.43
N VAL B 297 -20.83 5.02 -3.64
CA VAL B 297 -20.38 3.66 -3.80
C VAL B 297 -21.20 2.68 -3.00
N ILE B 298 -21.57 1.59 -3.65
CA ILE B 298 -22.28 0.50 -3.05
C ILE B 298 -21.41 -0.74 -3.10
N PHE B 299 -21.12 -1.34 -1.96
CA PHE B 299 -20.35 -2.58 -1.99
C PHE B 299 -21.26 -3.78 -1.82
N ALA B 300 -21.05 -4.78 -2.66
CA ALA B 300 -21.80 -6.02 -2.59
C ALA B 300 -20.82 -7.16 -2.37
N VAL B 301 -20.74 -7.67 -1.15
CA VAL B 301 -19.72 -8.65 -0.85
C VAL B 301 -20.30 -9.96 -0.34
N GLN B 302 -19.91 -11.06 -0.96
CA GLN B 302 -20.47 -12.37 -0.63
C GLN B 302 -19.84 -13.08 0.57
N GLY B 303 -18.56 -12.89 0.78
CA GLY B 303 -17.86 -13.68 1.79
C GLY B 303 -17.88 -13.04 3.18
N LYS B 304 -17.11 -13.62 4.09
CA LYS B 304 -16.97 -13.11 5.45
C LYS B 304 -16.24 -11.78 5.41
N GLN B 305 -15.60 -11.54 4.27
CA GLN B 305 -14.84 -10.35 3.97
C GLN B 305 -15.77 -9.15 3.93
N PHE B 306 -17.07 -9.42 3.84
CA PHE B 306 -18.06 -8.37 3.93
C PHE B 306 -17.81 -7.50 5.13
N HIS B 307 -17.48 -8.13 6.26
CA HIS B 307 -17.31 -7.39 7.49
C HIS B 307 -16.11 -6.48 7.38
N TRP B 308 -15.10 -6.90 6.62
CA TRP B 308 -13.93 -6.07 6.41
C TRP B 308 -14.37 -4.78 5.73
N TYR B 309 -15.19 -4.93 4.68
CA TYR B 309 -15.68 -3.75 3.97
C TYR B 309 -16.63 -2.92 4.82
N LYS B 310 -17.50 -3.58 5.57
CA LYS B 310 -18.45 -2.88 6.41
C LYS B 310 -17.76 -1.95 7.39
N ASP B 311 -16.67 -2.41 7.97
CA ASP B 311 -16.02 -1.64 9.00
C ASP B 311 -15.11 -0.56 8.42
N LEU B 312 -15.04 -0.46 7.10
CA LEU B 312 -14.32 0.62 6.46
C LEU B 312 -15.29 1.72 6.08
N LEU B 313 -16.58 1.49 6.28
CA LEU B 313 -17.55 2.48 5.86
C LEU B 313 -17.35 3.82 6.59
N PRO B 314 -17.03 3.86 7.89
CA PRO B 314 -16.79 5.08 8.63
C PRO B 314 -15.62 5.88 8.05
N LEU B 315 -14.76 5.22 7.28
CA LEU B 315 -13.61 5.87 6.69
C LEU B 315 -13.87 6.32 5.26
N LEU B 316 -15.06 6.02 4.74
CA LEU B 316 -15.42 6.32 3.36
C LEU B 316 -16.81 6.94 3.26
N PRO B 317 -16.98 8.23 3.61
CA PRO B 317 -18.25 8.90 3.71
C PRO B 317 -19.00 8.77 2.40
N GLY B 318 -20.30 8.54 2.48
CA GLY B 318 -21.15 8.40 1.30
C GLY B 318 -21.24 6.95 0.82
N THR B 319 -20.44 6.06 1.40
CA THR B 319 -20.42 4.66 0.99
C THR B 319 -21.39 3.82 1.80
N ILE B 320 -22.01 2.85 1.13
CA ILE B 320 -22.90 1.88 1.73
C ILE B 320 -22.47 0.47 1.36
N ALA B 321 -22.73 -0.51 2.21
CA ALA B 321 -22.37 -1.87 1.86
C ALA B 321 -23.40 -2.87 2.36
N GLY B 322 -23.57 -3.96 1.61
CA GLY B 322 -24.45 -5.04 2.01
C GLY B 322 -23.85 -6.40 1.66
N GLU B 323 -24.57 -7.45 2.00
CA GLU B 323 -24.09 -8.80 1.78
C GLU B 323 -24.74 -9.46 0.58
N ILE B 324 -23.97 -10.26 -0.13
CA ILE B 324 -24.51 -11.10 -1.18
C ILE B 324 -24.78 -12.46 -0.56
N GLU B 325 -25.96 -13.00 -0.79
CA GLU B 325 -26.29 -14.31 -0.23
C GLU B 325 -25.44 -15.38 -0.88
N SER B 326 -25.27 -16.52 -0.22
CA SER B 326 -24.44 -17.59 -0.78
C SER B 326 -24.97 -18.12 -2.10
N LYS B 327 -26.25 -17.90 -2.35
CA LYS B 327 -26.89 -18.32 -3.60
C LYS B 327 -26.91 -17.18 -4.62
N ALA B 328 -26.44 -16.01 -4.18
CA ALA B 328 -26.45 -14.78 -4.96
C ALA B 328 -27.84 -14.48 -5.50
N ALA B 329 -28.86 -14.75 -4.68
CA ALA B 329 -30.25 -14.56 -5.08
C ALA B 329 -30.75 -13.15 -4.83
N ASN B 330 -29.94 -12.32 -4.20
CA ASN B 330 -30.35 -10.98 -3.81
C ASN B 330 -29.58 -9.89 -4.52
N LEU B 331 -29.09 -10.14 -5.72
CA LEU B 331 -28.28 -9.12 -6.37
C LEU B 331 -29.08 -7.85 -6.64
N ASN B 332 -30.34 -8.02 -7.04
CA ASN B 332 -31.16 -6.85 -7.34
C ASN B 332 -31.72 -6.23 -6.08
N ASN B 333 -31.99 -7.06 -5.09
CA ASN B 333 -32.55 -6.53 -3.86
C ASN B 333 -31.52 -5.70 -3.14
N LEU B 334 -30.25 -6.09 -3.27
CA LEU B 334 -29.18 -5.34 -2.64
C LEU B 334 -29.11 -3.95 -3.25
N VAL B 335 -29.16 -3.88 -4.58
CA VAL B 335 -29.08 -2.58 -5.24
C VAL B 335 -30.26 -1.69 -4.90
N VAL B 336 -31.47 -2.24 -4.93
CA VAL B 336 -32.64 -1.44 -4.65
C VAL B 336 -32.66 -0.95 -3.21
N GLU B 337 -32.34 -1.83 -2.27
CA GLU B 337 -32.34 -1.44 -0.87
C GLU B 337 -31.25 -0.43 -0.60
N ALA B 338 -30.07 -0.62 -1.19
CA ALA B 338 -28.99 0.31 -0.99
C ALA B 338 -29.36 1.69 -1.51
N TYR B 339 -30.04 1.73 -2.66
CA TYR B 339 -30.47 2.99 -3.21
C TYR B 339 -31.43 3.70 -2.28
N GLN B 340 -32.41 2.95 -1.77
CA GLN B 340 -33.40 3.53 -0.89
C GLN B 340 -32.80 4.03 0.42
N LYS B 341 -31.77 3.37 0.92
CA LYS B 341 -31.13 3.89 2.10
C LYS B 341 -30.32 5.14 1.79
N LEU B 342 -29.60 5.14 0.67
CA LEU B 342 -28.75 6.28 0.33
C LEU B 342 -29.56 7.56 0.13
N ILE B 343 -30.72 7.46 -0.49
CA ILE B 343 -31.54 8.63 -0.75
C ILE B 343 -32.06 9.29 0.51
N SER B 344 -32.06 8.56 1.63
CA SER B 344 -32.58 9.06 2.89
C SER B 344 -31.50 9.53 3.85
N GLU B 345 -30.24 9.50 3.42
CA GLU B 345 -29.13 9.94 4.25
C GLU B 345 -28.59 11.26 3.72
N VAL B 346 -28.72 12.32 4.51
CA VAL B 346 -28.28 13.62 4.04
C VAL B 346 -27.24 14.23 4.96
N LYS B 347 -26.04 14.40 4.43
CA LYS B 347 -24.92 14.96 5.18
C LYS B 347 -24.08 15.84 4.29
N VAL B 348 -23.42 16.82 4.87
CA VAL B 348 -22.60 17.74 4.09
C VAL B 348 -21.19 17.83 4.64
N GLN B 349 -20.28 18.29 3.79
CA GLN B 349 -18.92 18.59 4.20
C GLN B 349 -18.48 19.88 3.53
N VAL B 350 -17.52 20.56 4.12
CA VAL B 350 -17.05 21.79 3.51
C VAL B 350 -15.59 21.70 3.11
N GLU B 351 -15.32 22.10 1.88
CA GLU B 351 -13.96 22.17 1.37
C GLU B 351 -13.45 23.57 1.61
N ASN B 352 -12.65 23.72 2.65
CA ASN B 352 -12.21 25.03 3.08
C ASN B 352 -10.73 25.30 2.81
N GLN B 353 -10.47 26.06 1.76
CA GLN B 353 -9.11 26.41 1.38
C GLN B 353 -8.80 27.85 1.77
N VAL B 354 -9.70 28.46 2.53
CA VAL B 354 -9.53 29.86 2.88
C VAL B 354 -8.77 29.97 4.21
N GLN B 355 -7.56 30.51 4.16
CA GLN B 355 -6.75 30.54 5.35
C GLN B 355 -7.20 31.63 6.30
N GLY B 356 -7.27 31.29 7.59
CA GLY B 356 -7.68 32.22 8.64
C GLY B 356 -9.18 32.13 8.91
N ILE B 357 -9.87 31.32 8.12
CA ILE B 357 -11.31 31.14 8.23
C ILE B 357 -11.68 29.72 8.61
N TYR B 358 -12.58 29.60 9.58
CA TYR B 358 -13.04 28.30 10.04
C TYR B 358 -14.55 28.16 9.92
N PHE B 359 -15.00 26.93 9.67
CA PHE B 359 -16.43 26.63 9.56
C PHE B 359 -16.91 25.68 10.64
N ASN B 360 -18.14 25.91 11.14
CA ASN B 360 -18.83 25.02 12.06
C ASN B 360 -20.28 24.81 11.59
N ILE B 361 -20.59 23.60 11.10
CA ILE B 361 -21.88 23.27 10.50
C ILE B 361 -22.64 22.22 11.30
N THR B 362 -23.89 22.53 11.64
CA THR B 362 -24.75 21.59 12.36
C THR B 362 -26.03 21.27 11.58
N ALA B 363 -26.35 19.99 11.46
CA ALA B 363 -27.58 19.60 10.79
C ALA B 363 -28.76 19.72 11.74
N ILE B 364 -29.81 20.38 11.28
CA ILE B 364 -31.04 20.49 12.04
C ILE B 364 -32.06 19.57 11.37
N CYS B 365 -32.45 18.50 12.07
CA CYS B 365 -33.27 17.43 11.51
C CYS B 365 -34.77 17.73 11.69
N PRO B 366 -35.67 17.24 10.79
CA PRO B 366 -37.13 17.37 10.84
C PRO B 366 -37.77 16.83 12.11
N ASP B 367 -37.08 15.93 12.81
CA ASP B 367 -37.61 15.34 14.01
C ASP B 367 -37.15 16.04 15.28
N GLY B 368 -36.43 17.15 15.14
CA GLY B 368 -36.02 17.93 16.30
C GLY B 368 -34.61 17.61 16.78
N SER B 369 -33.98 16.56 16.26
CA SER B 369 -32.63 16.25 16.69
C SER B 369 -31.62 17.13 15.99
N ARG B 370 -30.40 17.14 16.52
CA ARG B 370 -29.32 17.89 15.89
C ARG B 370 -28.10 16.99 15.75
N LYS B 371 -27.49 17.05 14.59
CA LYS B 371 -26.35 16.20 14.28
C LYS B 371 -25.21 17.01 13.62
N PRO B 372 -24.10 17.22 14.32
CA PRO B 372 -22.99 18.08 13.93
C PRO B 372 -22.14 17.52 12.81
N GLY B 373 -21.49 18.42 12.09
CA GLY B 373 -20.47 18.09 11.11
C GLY B 373 -21.01 17.23 9.99
N MET B 374 -20.29 16.16 9.68
CA MET B 374 -20.67 15.27 8.60
C MET B 374 -21.64 14.20 9.05
N GLU B 375 -22.13 14.28 10.28
CA GLU B 375 -23.03 13.24 10.75
C GLU B 375 -24.33 13.28 9.94
N GLY B 376 -24.86 14.48 9.73
CA GLY B 376 -26.06 14.68 8.93
C GLY B 376 -27.33 14.15 9.59
N CYS B 377 -28.42 14.07 8.81
CA CYS B 377 -29.74 13.59 9.25
C CYS B 377 -30.10 12.27 8.55
N ARG B 378 -30.95 11.47 9.22
CA ARG B 378 -31.37 10.15 8.74
C ARG B 378 -32.88 10.13 8.52
N ASN B 379 -33.34 9.13 7.74
CA ASN B 379 -34.77 8.89 7.47
C ASN B 379 -35.43 10.09 6.77
N VAL B 380 -34.71 10.69 5.81
CA VAL B 380 -35.19 11.82 5.01
C VAL B 380 -36.05 11.30 3.86
N THR B 381 -37.21 11.92 3.67
CA THR B 381 -38.14 11.50 2.63
C THR B 381 -38.48 12.61 1.66
N SER B 382 -39.50 12.41 0.82
CA SER B 382 -39.90 13.43 -0.13
C SER B 382 -40.60 14.55 0.62
N ASN B 383 -40.66 15.73 0.02
CA ASN B 383 -41.32 16.86 0.69
C ASN B 383 -40.76 17.03 2.09
N ASP B 384 -39.45 16.89 2.22
CA ASP B 384 -38.78 16.91 3.50
C ASP B 384 -37.46 17.65 3.41
N GLU B 385 -37.36 18.79 4.06
CA GLU B 385 -36.14 19.59 4.00
C GLU B 385 -35.27 19.34 5.22
N VAL B 386 -33.97 19.36 5.01
CA VAL B 386 -33.00 19.32 6.10
C VAL B 386 -32.28 20.64 6.09
N LEU B 387 -32.16 21.27 7.26
CA LEU B 387 -31.53 22.57 7.27
C LEU B 387 -30.16 22.47 7.87
N PHE B 388 -29.19 23.10 7.24
CA PHE B 388 -27.85 23.10 7.78
C PHE B 388 -27.47 24.50 8.25
N ASN B 389 -27.12 24.60 9.55
CA ASN B 389 -26.75 25.85 10.19
C ASN B 389 -25.25 26.08 10.01
N VAL B 390 -24.88 27.07 9.16
CA VAL B 390 -23.50 27.33 8.80
C VAL B 390 -22.97 28.59 9.44
N THR B 391 -21.98 28.44 10.32
CA THR B 391 -21.37 29.60 10.94
C THR B 391 -19.91 29.71 10.55
N VAL B 392 -19.52 30.89 10.12
CA VAL B 392 -18.17 31.14 9.70
C VAL B 392 -17.52 32.11 10.67
N THR B 393 -16.36 31.74 11.19
CA THR B 393 -15.65 32.57 12.16
C THR B 393 -14.26 32.93 11.66
N MET B 394 -13.87 34.19 11.85
CA MET B 394 -12.57 34.65 11.40
C MET B 394 -11.56 34.83 12.53
N LYS B 395 -10.39 34.21 12.37
CA LYS B 395 -9.36 34.31 13.38
C LYS B 395 -8.28 35.28 12.95
N LYS B 396 -8.01 35.34 11.67
CA LYS B 396 -6.97 36.24 11.17
C LYS B 396 -7.20 36.63 9.71
N CYS B 397 -6.52 37.71 9.29
CA CYS B 397 -6.52 38.22 7.92
C CYS B 397 -5.47 37.48 7.08
N ASP B 398 -5.81 37.22 5.81
CA ASP B 398 -4.92 36.57 4.83
C ASP B 398 -5.51 36.74 3.43
N ASN B 404 -10.92 34.62 -1.86
CA ASN B 404 -10.99 33.17 -1.94
C ASN B 404 -12.44 32.72 -1.61
N TYR B 405 -12.69 31.41 -1.67
CA TYR B 405 -14.00 30.81 -1.44
C TYR B 405 -13.89 29.39 -0.90
N ALA B 406 -15.00 28.88 -0.41
CA ALA B 406 -15.10 27.52 0.07
C ALA B 406 -16.37 26.88 -0.47
N ILE B 407 -16.38 25.57 -0.59
CA ILE B 407 -17.59 24.90 -1.09
C ILE B 407 -18.24 23.99 -0.08
N ILE B 408 -19.53 24.19 0.14
CA ILE B 408 -20.30 23.35 1.03
C ILE B 408 -21.20 22.47 0.19
N LYS B 409 -21.04 21.17 0.31
CA LYS B 409 -21.86 20.30 -0.51
C LYS B 409 -22.32 19.06 0.23
N PRO B 410 -23.54 18.60 -0.03
CA PRO B 410 -24.05 17.30 0.34
C PRO B 410 -23.23 16.23 -0.35
N ILE B 411 -22.92 15.18 0.39
CA ILE B 411 -22.15 14.10 -0.17
C ILE B 411 -23.02 13.19 -1.00
N GLY B 412 -22.63 12.97 -2.24
CA GLY B 412 -23.39 12.13 -3.14
C GLY B 412 -24.41 12.88 -3.99
N PHE B 413 -24.42 14.21 -3.88
CA PHE B 413 -25.32 15.06 -4.63
C PHE B 413 -24.58 15.81 -5.74
N ASN B 414 -25.28 16.14 -6.84
CA ASN B 414 -24.70 16.86 -7.98
C ASN B 414 -24.60 18.37 -7.75
N GLU B 415 -25.48 18.95 -6.91
CA GLU B 415 -25.52 20.40 -6.66
C GLU B 415 -24.69 20.79 -5.44
N THR B 416 -24.03 21.94 -5.52
CA THR B 416 -23.22 22.43 -4.41
C THR B 416 -23.48 23.90 -4.14
N ALA B 417 -23.10 24.38 -2.95
CA ALA B 417 -23.19 25.79 -2.63
C ALA B 417 -21.81 26.40 -2.47
N LYS B 418 -21.55 27.47 -3.20
CA LYS B 418 -20.25 28.12 -3.12
C LYS B 418 -20.32 29.39 -2.29
N ILE B 419 -19.45 29.49 -1.29
CA ILE B 419 -19.43 30.69 -0.46
C ILE B 419 -18.14 31.49 -0.66
N HIS B 420 -18.30 32.76 -0.96
CA HIS B 420 -17.17 33.66 -1.18
C HIS B 420 -16.93 34.44 0.09
N ILE B 421 -15.70 34.39 0.58
CA ILE B 421 -15.44 35.04 1.86
C ILE B 421 -14.45 36.18 1.74
N HIS B 422 -14.97 37.39 1.85
CA HIS B 422 -14.17 38.57 1.71
C HIS B 422 -13.76 39.04 3.09
N ARG B 423 -12.60 39.67 3.14
CA ARG B 423 -12.12 40.23 4.39
C ARG B 423 -11.67 41.64 4.20
N ASN B 424 -12.21 42.51 5.04
CA ASN B 424 -11.83 43.91 4.98
C ASN B 424 -10.82 44.19 6.07
N CYS B 425 -9.53 44.19 5.69
CA CYS B 425 -8.38 44.31 6.57
C CYS B 425 -7.44 45.40 6.04
N GLN C 1 -29.23 -18.38 -26.49
CA GLN C 1 -29.00 -19.81 -26.36
C GLN C 1 -27.86 -20.27 -27.27
N ILE C 2 -26.84 -20.90 -26.67
CA ILE C 2 -25.69 -21.47 -27.39
C ILE C 2 -26.05 -22.78 -28.08
N GLN C 3 -25.69 -22.88 -29.35
CA GLN C 3 -25.96 -24.07 -30.12
C GLN C 3 -24.73 -24.51 -30.89
N LEU C 4 -24.64 -25.82 -31.12
CA LEU C 4 -23.60 -26.37 -31.96
C LEU C 4 -24.22 -27.29 -33.00
N VAL C 5 -23.97 -27.01 -34.26
CA VAL C 5 -24.58 -27.77 -35.34
C VAL C 5 -23.53 -28.54 -36.12
N GLN C 6 -23.69 -29.85 -36.17
CA GLN C 6 -22.72 -30.69 -36.83
C GLN C 6 -23.25 -31.28 -38.12
N SER C 7 -22.33 -31.69 -38.97
CA SER C 7 -22.68 -32.32 -40.24
C SER C 7 -23.27 -33.71 -40.00
N GLY C 8 -23.95 -34.22 -41.03
CA GLY C 8 -24.58 -35.53 -40.93
C GLY C 8 -23.59 -36.67 -41.16
N PRO C 9 -24.08 -37.91 -41.20
CA PRO C 9 -23.35 -39.16 -41.29
C PRO C 9 -22.48 -39.25 -42.54
N GLU C 10 -21.33 -39.91 -42.37
CA GLU C 10 -20.38 -40.16 -43.46
C GLU C 10 -20.04 -41.63 -43.61
N LEU C 11 -19.99 -42.08 -44.87
CA LEU C 11 -19.64 -43.45 -45.19
C LEU C 11 -18.34 -43.48 -45.98
N LYS C 12 -17.26 -43.83 -45.31
CA LYS C 12 -15.93 -43.72 -45.92
C LYS C 12 -15.25 -45.05 -46.13
N LYS C 13 -14.28 -45.07 -47.04
CA LYS C 13 -13.50 -46.26 -47.30
C LYS C 13 -12.18 -46.13 -46.54
N PRO C 14 -11.43 -47.21 -46.33
CA PRO C 14 -10.13 -47.18 -45.70
C PRO C 14 -9.19 -46.30 -46.49
N GLY C 15 -8.44 -45.48 -45.78
CA GLY C 15 -7.45 -44.62 -46.41
C GLY C 15 -8.00 -43.26 -46.86
N GLU C 16 -9.30 -43.08 -46.80
CA GLU C 16 -9.91 -41.83 -47.23
C GLU C 16 -9.91 -40.80 -46.13
N THR C 17 -10.10 -39.55 -46.50
CA THR C 17 -10.11 -38.47 -45.54
C THR C 17 -11.51 -37.86 -45.37
N VAL C 18 -11.90 -37.66 -44.12
CA VAL C 18 -13.19 -37.06 -43.82
C VAL C 18 -13.06 -35.73 -43.11
N LYS C 19 -13.88 -34.77 -43.51
CA LYS C 19 -13.91 -33.47 -42.88
C LYS C 19 -15.21 -33.30 -42.10
N ILE C 20 -15.11 -33.29 -40.78
CA ILE C 20 -16.27 -33.19 -39.93
C ILE C 20 -16.40 -31.76 -39.41
N SER C 21 -17.49 -31.11 -39.77
CA SER C 21 -17.65 -29.72 -39.38
C SER C 21 -18.56 -29.55 -38.16
N CYS C 22 -18.39 -28.41 -37.48
CA CYS C 22 -19.24 -27.95 -36.38
C CYS C 22 -19.39 -26.43 -36.41
N LYS C 23 -20.62 -25.95 -36.66
CA LYS C 23 -20.96 -24.53 -36.73
C LYS C 23 -21.48 -24.04 -35.39
N ALA C 24 -20.92 -22.93 -34.94
CA ALA C 24 -21.30 -22.36 -33.66
C ALA C 24 -22.23 -21.18 -33.83
N SER C 25 -23.14 -21.02 -32.89
CA SER C 25 -23.99 -19.83 -32.88
C SER C 25 -24.43 -19.47 -31.46
N GLY C 26 -24.81 -18.20 -31.29
CA GLY C 26 -25.35 -17.72 -30.02
C GLY C 26 -24.29 -17.14 -29.07
N TYR C 27 -23.03 -17.14 -29.50
CA TYR C 27 -21.97 -16.63 -28.66
C TYR C 27 -20.77 -16.16 -29.47
N THR C 28 -19.84 -15.53 -28.78
CA THR C 28 -18.63 -15.03 -29.38
C THR C 28 -17.64 -16.15 -29.68
N PHE C 29 -17.84 -16.78 -30.85
CA PHE C 29 -17.07 -17.94 -31.28
C PHE C 29 -15.57 -17.82 -31.08
N THR C 30 -15.00 -16.69 -31.45
CA THR C 30 -13.56 -16.54 -31.43
C THR C 30 -12.97 -16.39 -30.04
N ASP C 31 -13.82 -16.33 -29.02
CA ASP C 31 -13.34 -16.21 -27.64
C ASP C 31 -13.30 -17.53 -26.87
N TYR C 32 -13.70 -18.64 -27.50
CA TYR C 32 -13.68 -19.93 -26.80
C TYR C 32 -12.99 -21.01 -27.62
N SER C 33 -12.33 -21.95 -26.96
CA SER C 33 -11.79 -23.08 -27.69
C SER C 33 -12.92 -24.00 -28.04
N MET C 34 -12.70 -24.84 -29.04
CA MET C 34 -13.66 -25.88 -29.34
C MET C 34 -12.99 -27.22 -29.17
N HIS C 35 -13.66 -28.13 -28.50
CA HIS C 35 -13.11 -29.45 -28.23
C HIS C 35 -13.76 -30.50 -29.08
N TRP C 36 -12.98 -31.51 -29.44
CA TRP C 36 -13.50 -32.67 -30.13
C TRP C 36 -13.32 -33.91 -29.28
N VAL C 37 -14.40 -34.69 -29.17
CA VAL C 37 -14.43 -35.92 -28.37
C VAL C 37 -14.94 -37.10 -29.18
N LYS C 38 -14.25 -38.23 -29.08
CA LYS C 38 -14.62 -39.44 -29.80
C LYS C 38 -15.44 -40.38 -28.96
N GLN C 39 -16.58 -40.82 -29.48
CA GLN C 39 -17.35 -41.84 -28.79
C GLN C 39 -17.47 -43.09 -29.63
N ALA C 40 -16.65 -44.08 -29.33
CA ALA C 40 -16.67 -45.32 -30.09
C ALA C 40 -18.03 -45.96 -29.84
N PRO C 41 -18.57 -46.75 -30.76
CA PRO C 41 -19.89 -47.33 -30.71
C PRO C 41 -20.02 -48.41 -29.64
N GLY C 42 -20.22 -47.98 -28.40
CA GLY C 42 -20.35 -48.90 -27.27
C GLY C 42 -19.28 -48.70 -26.20
N LYS C 43 -18.42 -47.70 -26.36
CA LYS C 43 -17.39 -47.44 -25.38
C LYS C 43 -17.58 -46.08 -24.75
N GLY C 44 -16.72 -45.74 -23.81
CA GLY C 44 -16.80 -44.44 -23.17
C GLY C 44 -16.19 -43.38 -24.05
N LEU C 45 -16.17 -42.15 -23.55
CA LEU C 45 -15.68 -41.00 -24.30
C LEU C 45 -14.18 -40.87 -24.22
N LYS C 46 -13.55 -40.45 -25.31
CA LYS C 46 -12.13 -40.13 -25.28
C LYS C 46 -11.89 -38.78 -25.91
N TRP C 47 -11.17 -37.93 -25.20
CA TRP C 47 -10.88 -36.60 -25.71
C TRP C 47 -9.87 -36.69 -26.84
N VAL C 48 -10.09 -35.95 -27.92
CA VAL C 48 -9.20 -36.00 -29.07
C VAL C 48 -8.34 -34.76 -29.20
N ALA C 49 -8.98 -33.60 -29.27
CA ALA C 49 -8.23 -32.39 -29.55
C ALA C 49 -8.99 -31.14 -29.17
N ARG C 50 -8.27 -30.04 -29.03
CA ARG C 50 -8.88 -28.74 -28.85
C ARG C 50 -8.25 -27.73 -29.77
N ILE C 51 -9.05 -26.78 -30.21
CA ILE C 51 -8.54 -25.69 -31.00
C ILE C 51 -8.86 -24.36 -30.38
N ASN C 52 -7.83 -23.59 -30.06
CA ASN C 52 -8.09 -22.32 -29.42
C ASN C 52 -8.32 -21.29 -30.48
N THR C 53 -9.56 -20.87 -30.66
CA THR C 53 -9.94 -19.97 -31.73
C THR C 53 -9.36 -18.58 -31.56
N GLU C 54 -8.82 -18.31 -30.38
CA GLU C 54 -8.17 -17.04 -30.10
C GLU C 54 -6.88 -16.90 -30.92
N THR C 55 -6.18 -18.03 -31.14
CA THR C 55 -4.89 -18.02 -31.82
C THR C 55 -4.85 -18.89 -33.07
N GLY C 56 -5.72 -19.89 -33.13
CA GLY C 56 -5.73 -20.86 -34.22
C GLY C 56 -4.82 -22.06 -33.96
N GLU C 57 -4.19 -22.13 -32.79
CA GLU C 57 -3.28 -23.23 -32.48
C GLU C 57 -3.99 -24.42 -31.81
N PRO C 58 -3.94 -25.62 -32.40
CA PRO C 58 -4.50 -26.86 -31.90
C PRO C 58 -3.61 -27.54 -30.86
N THR C 59 -4.24 -28.35 -30.01
CA THR C 59 -3.59 -29.29 -29.09
C THR C 59 -4.21 -30.66 -29.22
N PHE C 60 -3.38 -31.68 -29.31
CA PHE C 60 -3.87 -33.05 -29.47
C PHE C 60 -3.49 -33.96 -28.34
N ALA C 61 -4.27 -35.01 -28.14
CA ALA C 61 -3.96 -36.05 -27.18
C ALA C 61 -2.76 -36.85 -27.69
N ASP C 62 -2.03 -37.48 -26.77
CA ASP C 62 -0.83 -38.24 -27.14
C ASP C 62 -1.12 -39.37 -28.11
N ASP C 63 -2.27 -40.00 -27.98
CA ASP C 63 -2.67 -41.09 -28.86
C ASP C 63 -3.21 -40.57 -30.20
N PHE C 64 -4.05 -39.56 -30.12
CA PHE C 64 -4.68 -39.00 -31.31
C PHE C 64 -3.77 -38.02 -32.03
N ARG C 65 -2.74 -38.54 -32.68
CA ARG C 65 -1.74 -37.74 -33.39
C ARG C 65 -1.54 -38.20 -34.81
N GLY C 66 -1.06 -37.31 -35.66
CA GLY C 66 -0.67 -37.66 -37.04
C GLY C 66 -1.84 -37.70 -38.00
N ARG C 67 -2.78 -38.58 -37.73
CA ARG C 67 -3.97 -38.75 -38.57
C ARG C 67 -5.00 -37.67 -38.29
N PHE C 68 -4.81 -36.94 -37.22
CA PHE C 68 -5.79 -35.95 -36.84
C PHE C 68 -5.27 -34.53 -37.02
N ALA C 69 -6.09 -33.69 -37.63
CA ALA C 69 -5.76 -32.29 -37.81
C ALA C 69 -7.00 -31.45 -37.50
N VAL C 70 -6.78 -30.25 -36.96
CA VAL C 70 -7.90 -29.37 -36.67
C VAL C 70 -7.65 -27.99 -37.24
N SER C 71 -8.66 -27.42 -37.88
CA SER C 71 -8.54 -26.10 -38.51
C SER C 71 -9.81 -25.27 -38.33
N LEU C 72 -9.69 -23.97 -38.58
CA LEU C 72 -10.81 -23.05 -38.39
C LEU C 72 -11.22 -22.26 -39.62
N GLU C 73 -12.50 -21.91 -39.65
CA GLU C 73 -13.04 -20.97 -40.62
C GLU C 73 -13.85 -19.94 -39.85
N THR C 74 -13.15 -18.95 -39.30
CA THR C 74 -13.75 -18.01 -38.35
C THR C 74 -14.79 -17.11 -38.99
N SER C 75 -14.69 -16.95 -40.30
CA SER C 75 -15.60 -16.08 -41.05
C SER C 75 -17.05 -16.56 -41.00
N ALA C 76 -17.26 -17.82 -40.66
CA ALA C 76 -18.60 -18.37 -40.57
C ALA C 76 -18.82 -19.01 -39.22
N SER C 77 -18.00 -18.62 -38.24
CA SER C 77 -18.07 -19.17 -36.89
C SER C 77 -18.08 -20.69 -36.88
N THR C 78 -17.18 -21.33 -37.64
CA THR C 78 -17.17 -22.78 -37.67
C THR C 78 -15.78 -23.36 -37.56
N ALA C 79 -15.71 -24.65 -37.19
CA ALA C 79 -14.45 -25.36 -37.07
C ALA C 79 -14.53 -26.73 -37.73
N TYR C 80 -13.37 -27.25 -38.13
CA TYR C 80 -13.30 -28.57 -38.75
C TYR C 80 -12.32 -29.52 -38.09
N LEU C 81 -12.74 -30.77 -38.00
CA LEU C 81 -11.87 -31.87 -37.62
C LEU C 81 -11.60 -32.72 -38.85
N GLN C 82 -10.35 -32.84 -39.24
CA GLN C 82 -10.03 -33.61 -40.42
C GLN C 82 -9.29 -34.88 -40.04
N ILE C 83 -9.85 -36.01 -40.43
CA ILE C 83 -9.23 -37.29 -40.08
C ILE C 83 -8.70 -37.96 -41.33
N ASN C 84 -7.39 -38.08 -41.41
CA ASN C 84 -6.73 -38.60 -42.59
C ASN C 84 -6.49 -40.09 -42.48
N ASN C 85 -6.39 -40.75 -43.63
CA ASN C 85 -6.04 -42.16 -43.69
C ASN C 85 -6.92 -43.00 -42.78
N LEU C 86 -8.24 -42.83 -42.91
CA LEU C 86 -9.18 -43.51 -42.03
C LEU C 86 -8.99 -45.01 -41.95
N LYS C 87 -9.04 -45.49 -40.71
CA LYS C 87 -8.90 -46.91 -40.39
C LYS C 87 -10.22 -47.41 -39.82
N ASN C 88 -10.40 -48.73 -39.76
CA ASN C 88 -11.66 -49.26 -39.28
C ASN C 88 -11.94 -48.87 -37.82
N GLU C 89 -10.87 -48.71 -37.04
CA GLU C 89 -10.99 -48.34 -35.62
C GLU C 89 -11.43 -46.89 -35.42
N ASP C 90 -11.56 -46.13 -36.51
CA ASP C 90 -12.01 -44.74 -36.42
C ASP C 90 -13.52 -44.64 -36.47
N THR C 91 -14.23 -45.77 -36.58
CA THR C 91 -15.68 -45.70 -36.57
C THR C 91 -16.11 -45.23 -35.20
N ALA C 92 -16.84 -44.12 -35.18
CA ALA C 92 -17.24 -43.49 -33.93
C ALA C 92 -18.16 -42.32 -34.19
N THR C 93 -18.78 -41.82 -33.14
CA THR C 93 -19.47 -40.55 -33.24
C THR C 93 -18.52 -39.47 -32.76
N TYR C 94 -18.30 -38.45 -33.57
CA TYR C 94 -17.41 -37.37 -33.17
C TYR C 94 -18.20 -36.15 -32.78
N PHE C 95 -18.00 -35.72 -31.54
CA PHE C 95 -18.73 -34.59 -31.00
C PHE C 95 -17.83 -33.37 -30.92
N CYS C 96 -18.44 -32.19 -31.12
CA CYS C 96 -17.80 -30.90 -30.88
C CYS C 96 -18.41 -30.37 -29.58
N ALA C 97 -17.62 -29.63 -28.79
CA ALA C 97 -18.12 -29.10 -27.52
C ALA C 97 -17.42 -27.85 -27.03
N ILE C 98 -18.14 -27.11 -26.21
CA ILE C 98 -17.66 -25.95 -25.48
C ILE C 98 -17.57 -26.37 -24.03
N PHE C 99 -16.42 -26.19 -23.40
CA PHE C 99 -16.23 -26.65 -22.03
C PHE C 99 -16.16 -25.56 -20.97
N TYR C 100 -16.61 -24.36 -21.29
CA TYR C 100 -16.64 -23.33 -20.26
C TYR C 100 -17.68 -23.78 -19.25
N TYR C 101 -17.36 -23.77 -17.97
CA TYR C 101 -18.26 -24.38 -16.99
C TYR C 101 -19.64 -23.78 -16.94
N GLY C 102 -19.75 -22.47 -17.05
CA GLY C 102 -21.05 -21.83 -16.90
C GLY C 102 -21.75 -21.64 -18.23
N ARG C 103 -21.14 -22.14 -19.30
CA ARG C 103 -21.66 -21.98 -20.64
C ARG C 103 -21.19 -23.08 -21.55
N ASP C 104 -21.43 -24.34 -21.17
CA ASP C 104 -20.95 -25.41 -22.00
C ASP C 104 -21.97 -25.74 -23.09
N SER C 105 -21.59 -26.64 -23.97
CA SER C 105 -22.51 -27.11 -25.00
C SER C 105 -21.93 -28.28 -25.76
N TRP C 106 -22.76 -29.23 -26.11
CA TRP C 106 -22.34 -30.31 -26.97
C TRP C 106 -23.21 -30.35 -28.22
N GLY C 107 -22.61 -30.68 -29.35
CA GLY C 107 -23.37 -30.80 -30.58
C GLY C 107 -24.06 -32.14 -30.63
N GLN C 108 -24.79 -32.40 -31.70
CA GLN C 108 -25.51 -33.65 -31.85
C GLN C 108 -24.59 -34.83 -32.13
N GLY C 109 -23.39 -34.56 -32.64
CA GLY C 109 -22.43 -35.60 -33.00
C GLY C 109 -22.54 -36.00 -34.46
N THR C 110 -21.41 -36.32 -35.06
CA THR C 110 -21.39 -36.78 -36.44
C THR C 110 -21.01 -38.24 -36.49
N THR C 111 -21.81 -39.04 -37.16
CA THR C 111 -21.54 -40.46 -37.24
C THR C 111 -20.62 -40.81 -38.40
N LEU C 112 -19.48 -41.38 -38.08
CA LEU C 112 -18.52 -41.78 -39.09
C LEU C 112 -18.30 -43.29 -39.12
N THR C 113 -18.56 -43.89 -40.27
CA THR C 113 -18.36 -45.33 -40.45
C THR C 113 -17.28 -45.60 -41.49
N VAL C 114 -16.35 -46.49 -41.17
CA VAL C 114 -15.28 -46.79 -42.12
C VAL C 114 -15.32 -48.25 -42.57
N SER C 115 -15.39 -48.47 -43.90
CA SER C 115 -15.42 -49.79 -44.53
C SER C 115 -14.04 -50.44 -44.48
N ASP D 1 -0.67 -36.52 -19.35
CA ASP D 1 -1.76 -37.46 -19.60
C ASP D 1 -2.07 -38.21 -18.29
N ILE D 2 -3.18 -37.85 -17.62
CA ILE D 2 -3.60 -38.42 -16.35
C ILE D 2 -4.65 -39.51 -16.52
N VAL D 3 -4.36 -40.67 -15.97
CA VAL D 3 -5.26 -41.79 -16.06
C VAL D 3 -6.37 -41.73 -15.02
N MET D 4 -7.61 -41.89 -15.48
CA MET D 4 -8.77 -41.95 -14.60
C MET D 4 -9.33 -43.36 -14.51
N THR D 5 -9.58 -43.79 -13.30
CA THR D 5 -10.19 -45.09 -13.06
C THR D 5 -11.57 -44.89 -12.48
N GLN D 6 -12.57 -45.49 -13.12
CA GLN D 6 -13.95 -45.33 -12.68
C GLN D 6 -14.57 -46.69 -12.40
N SER D 7 -15.25 -46.79 -11.26
CA SER D 7 -15.84 -48.06 -10.87
C SER D 7 -17.01 -47.93 -9.88
N PRO D 8 -17.87 -48.94 -9.83
CA PRO D 8 -17.99 -50.12 -10.68
C PRO D 8 -18.57 -49.71 -12.02
N SER D 9 -18.28 -50.48 -13.07
CA SER D 9 -18.81 -50.16 -14.40
C SER D 9 -20.28 -50.51 -14.55
N SER D 10 -20.77 -51.37 -13.65
CA SER D 10 -22.15 -51.82 -13.68
C SER D 10 -22.74 -51.67 -12.30
N LEU D 11 -23.67 -50.74 -12.15
CA LEU D 11 -24.21 -50.40 -10.86
C LEU D 11 -25.72 -50.66 -10.80
N ALA D 12 -26.12 -51.49 -9.83
CA ALA D 12 -27.53 -51.86 -9.67
C ALA D 12 -28.22 -50.92 -8.69
N VAL D 13 -29.29 -50.28 -9.13
CA VAL D 13 -29.98 -49.30 -8.30
C VAL D 13 -31.49 -49.52 -8.27
N SER D 14 -32.18 -48.92 -7.32
CA SER D 14 -33.65 -48.91 -7.35
C SER D 14 -34.15 -47.54 -6.97
N ALA D 15 -35.26 -47.11 -7.56
CA ALA D 15 -35.71 -45.76 -7.31
C ALA D 15 -35.95 -45.52 -5.81
N GLY D 16 -35.41 -44.41 -5.32
CA GLY D 16 -35.51 -44.01 -3.92
C GLY D 16 -34.25 -44.32 -3.14
N GLU D 17 -33.38 -45.17 -3.68
CA GLU D 17 -32.13 -45.54 -3.03
C GLU D 17 -31.05 -44.49 -3.17
N LYS D 18 -30.08 -44.54 -2.25
CA LYS D 18 -28.88 -43.73 -2.38
C LYS D 18 -27.86 -44.50 -3.21
N VAL D 19 -27.44 -43.90 -4.31
CA VAL D 19 -26.56 -44.56 -5.25
C VAL D 19 -25.19 -43.95 -5.27
N THR D 20 -24.15 -44.77 -5.18
CA THR D 20 -22.81 -44.22 -5.20
C THR D 20 -21.92 -44.85 -6.26
N MET D 21 -21.00 -44.04 -6.77
CA MET D 21 -19.99 -44.47 -7.73
C MET D 21 -18.72 -43.69 -7.47
N SER D 22 -17.57 -44.23 -7.88
CA SER D 22 -16.31 -43.55 -7.60
C SER D 22 -15.39 -43.40 -8.81
N CYS D 23 -14.52 -42.36 -8.76
CA CYS D 23 -13.43 -42.12 -9.70
C CYS D 23 -12.14 -41.83 -8.94
N LYS D 24 -11.04 -42.45 -9.37
CA LYS D 24 -9.72 -42.27 -8.76
C LYS D 24 -8.73 -41.83 -9.82
N SER D 25 -7.75 -41.05 -9.41
CA SER D 25 -6.79 -40.54 -10.38
C SER D 25 -5.37 -40.95 -10.06
N SER D 26 -4.58 -41.13 -11.12
CA SER D 26 -3.17 -41.44 -11.00
C SER D 26 -2.34 -40.32 -10.36
N GLN D 27 -2.89 -39.12 -10.27
CA GLN D 27 -2.20 -38.01 -9.63
C GLN D 27 -3.18 -37.03 -9.04
N SER D 28 -2.71 -36.16 -8.16
CA SER D 28 -3.59 -35.16 -7.60
C SER D 28 -4.13 -34.23 -8.68
N LEU D 29 -5.42 -33.92 -8.58
CA LEU D 29 -6.06 -32.99 -9.50
C LEU D 29 -6.24 -31.62 -8.86
N LEU D 30 -5.63 -31.41 -7.71
CA LEU D 30 -5.82 -30.18 -6.97
C LEU D 30 -4.82 -29.12 -7.42
N GLY D 31 -5.32 -27.99 -7.94
CA GLY D 31 -4.42 -26.96 -8.46
C GLY D 31 -4.47 -25.65 -7.68
N ARG D 32 -3.72 -24.65 -8.14
CA ARG D 32 -3.67 -23.35 -7.49
C ARG D 32 -4.65 -22.38 -8.13
N GLY D 33 -5.51 -21.78 -7.31
CA GLY D 33 -6.52 -20.84 -7.79
C GLY D 33 -6.45 -19.47 -7.13
N ASP D 34 -7.62 -18.85 -6.97
CA ASP D 34 -7.78 -17.49 -6.43
C ASP D 34 -7.91 -17.48 -4.92
N LEU D 35 -7.88 -18.66 -4.33
CA LEU D 35 -8.02 -18.83 -2.90
C LEU D 35 -6.76 -19.50 -2.39
N GLY D 36 -6.36 -19.20 -1.17
CA GLY D 36 -5.15 -19.78 -0.63
C GLY D 36 -5.25 -21.27 -0.39
N ARG D 37 -5.85 -21.65 0.72
CA ARG D 37 -5.96 -23.07 1.07
C ARG D 37 -7.09 -23.77 0.33
N LEU D 38 -8.12 -23.01 -0.04
CA LEU D 38 -9.29 -23.62 -0.68
C LEU D 38 -9.06 -23.81 -2.17
N LYS D 39 -8.20 -24.74 -2.49
CA LYS D 39 -7.83 -25.08 -3.86
C LYS D 39 -8.96 -25.83 -4.55
N LYS D 40 -9.11 -25.63 -5.86
CA LYS D 40 -10.13 -26.34 -6.62
C LYS D 40 -9.61 -27.63 -7.22
N ASN D 41 -10.48 -28.63 -7.26
CA ASN D 41 -10.19 -29.92 -7.88
C ASN D 41 -10.62 -29.92 -9.33
N ALA D 42 -9.70 -30.23 -10.24
CA ALA D 42 -10.03 -30.18 -11.66
C ALA D 42 -10.78 -31.42 -12.11
N LEU D 43 -12.01 -31.57 -11.62
CA LEU D 43 -12.83 -32.74 -11.94
C LEU D 43 -14.31 -32.39 -12.14
N ALA D 44 -14.91 -32.93 -13.20
CA ALA D 44 -16.33 -32.70 -13.47
C ALA D 44 -17.05 -34.00 -13.81
N TRP D 45 -18.35 -34.03 -13.53
CA TRP D 45 -19.18 -35.19 -13.84
C TRP D 45 -20.24 -34.87 -14.88
N TYR D 46 -20.45 -35.81 -15.80
CA TYR D 46 -21.43 -35.70 -16.88
C TYR D 46 -22.42 -36.86 -16.90
N GLN D 47 -23.65 -36.56 -17.30
CA GLN D 47 -24.69 -37.57 -17.44
C GLN D 47 -25.05 -37.79 -18.90
N GLN D 48 -24.85 -39.00 -19.41
CA GLN D 48 -25.18 -39.24 -20.80
C GLN D 48 -26.25 -40.32 -20.98
N LYS D 49 -27.40 -39.91 -21.49
CA LYS D 49 -28.46 -40.87 -21.76
C LYS D 49 -28.22 -41.45 -23.14
N PRO D 50 -28.56 -42.70 -23.42
CA PRO D 50 -28.35 -43.34 -24.70
C PRO D 50 -28.94 -42.51 -25.84
N GLY D 51 -28.13 -42.30 -26.88
CA GLY D 51 -28.55 -41.56 -28.07
C GLY D 51 -28.44 -40.05 -27.91
N GLN D 52 -28.07 -39.58 -26.72
CA GLN D 52 -27.99 -38.16 -26.46
C GLN D 52 -26.58 -37.66 -26.28
N SER D 53 -26.39 -36.35 -26.45
CA SER D 53 -25.12 -35.75 -26.09
C SER D 53 -25.08 -35.72 -24.57
N PRO D 54 -23.91 -35.73 -23.93
CA PRO D 54 -23.72 -35.65 -22.49
C PRO D 54 -24.04 -34.27 -21.95
N ARG D 55 -24.48 -34.21 -20.69
CA ARG D 55 -24.77 -32.96 -20.01
C ARG D 55 -23.92 -32.80 -18.76
N LEU D 56 -23.48 -31.57 -18.48
CA LEU D 56 -22.68 -31.31 -17.28
C LEU D 56 -23.56 -31.26 -16.04
N LEU D 57 -23.14 -31.97 -15.00
CA LEU D 57 -23.84 -31.93 -13.74
C LEU D 57 -23.06 -31.15 -12.70
N ILE D 58 -21.83 -31.57 -12.50
CA ILE D 58 -20.99 -31.06 -11.41
C ILE D 58 -19.63 -30.63 -11.89
N TYR D 59 -19.15 -29.49 -11.41
CA TYR D 59 -17.80 -29.06 -11.74
C TYR D 59 -17.03 -28.64 -10.51
N TRP D 60 -15.70 -28.74 -10.62
CA TRP D 60 -14.77 -28.53 -9.52
C TRP D 60 -15.04 -29.49 -8.37
N ALA D 61 -15.61 -30.64 -8.73
CA ALA D 61 -15.98 -31.72 -7.83
C ALA D 61 -16.89 -31.24 -6.70
N SER D 62 -17.75 -30.27 -6.96
CA SER D 62 -18.65 -29.80 -5.91
C SER D 62 -19.84 -29.03 -6.45
N THR D 63 -19.55 -27.88 -7.03
CA THR D 63 -20.55 -26.95 -7.53
C THR D 63 -21.45 -27.57 -8.59
N ARG D 64 -22.76 -27.40 -8.43
CA ARG D 64 -23.68 -27.96 -9.41
C ARG D 64 -23.99 -26.95 -10.49
N GLU D 65 -24.17 -27.46 -11.69
CA GLU D 65 -24.58 -26.67 -12.83
C GLU D 65 -26.04 -26.28 -12.70
N SER D 66 -26.38 -25.07 -13.11
CA SER D 66 -27.76 -24.63 -13.03
C SER D 66 -28.68 -25.60 -13.75
N GLY D 67 -29.79 -25.94 -13.11
CA GLY D 67 -30.76 -26.86 -13.70
C GLY D 67 -30.59 -28.29 -13.19
N VAL D 68 -29.48 -28.55 -12.51
CA VAL D 68 -29.22 -29.87 -11.96
C VAL D 68 -29.99 -30.08 -10.65
N PRO D 69 -30.84 -31.11 -10.55
CA PRO D 69 -31.63 -31.44 -9.39
C PRO D 69 -30.77 -31.58 -8.15
N ASP D 70 -31.28 -31.12 -7.02
CA ASP D 70 -30.49 -31.16 -5.79
C ASP D 70 -30.54 -32.54 -5.16
N ARG D 71 -29.90 -33.48 -5.84
CA ARG D 71 -29.76 -34.85 -5.38
C ARG D 71 -28.45 -35.35 -5.92
N PHE D 72 -27.85 -34.56 -6.80
CA PHE D 72 -26.56 -34.90 -7.36
C PHE D 72 -25.44 -34.20 -6.63
N THR D 73 -24.76 -34.92 -5.75
CA THR D 73 -23.72 -34.32 -4.95
C THR D 73 -22.36 -34.92 -5.22
N GLY D 74 -21.42 -34.07 -5.62
CA GLY D 74 -20.07 -34.52 -5.87
C GLY D 74 -19.20 -34.10 -4.70
N SER D 75 -18.18 -34.88 -4.40
CA SER D 75 -17.26 -34.55 -3.34
C SER D 75 -15.95 -35.30 -3.49
N GLY D 76 -14.92 -34.83 -2.79
CA GLY D 76 -13.64 -35.53 -2.79
C GLY D 76 -12.48 -34.58 -2.92
N SER D 77 -11.28 -35.14 -2.94
CA SER D 77 -10.06 -34.34 -3.02
C SER D 77 -8.89 -35.18 -3.46
N GLY D 78 -7.79 -34.52 -3.83
CA GLY D 78 -6.58 -35.26 -4.12
C GLY D 78 -6.76 -36.21 -5.30
N THR D 79 -6.68 -37.49 -5.01
CA THR D 79 -6.78 -38.55 -6.00
C THR D 79 -8.03 -39.42 -5.85
N ASP D 80 -8.94 -39.07 -4.95
CA ASP D 80 -10.09 -39.94 -4.72
C ASP D 80 -11.40 -39.15 -4.63
N PHE D 81 -12.25 -39.30 -5.65
CA PHE D 81 -13.48 -38.54 -5.76
C PHE D 81 -14.70 -39.42 -5.92
N THR D 82 -15.84 -38.94 -5.43
CA THR D 82 -17.06 -39.73 -5.56
C THR D 82 -18.26 -38.90 -6.01
N LEU D 83 -19.29 -39.62 -6.47
CA LEU D 83 -20.58 -39.04 -6.80
C LEU D 83 -21.67 -39.82 -6.12
N THR D 84 -22.53 -39.12 -5.41
CA THR D 84 -23.66 -39.74 -4.75
C THR D 84 -24.97 -39.17 -5.26
N ILE D 85 -25.90 -40.06 -5.57
CA ILE D 85 -27.20 -39.62 -6.01
C ILE D 85 -28.23 -39.95 -4.93
N SER D 86 -28.85 -38.92 -4.38
CA SER D 86 -29.85 -39.09 -3.33
C SER D 86 -31.20 -39.40 -3.95
N SER D 87 -31.91 -40.37 -3.40
CA SER D 87 -33.23 -40.71 -3.93
C SER D 87 -33.21 -40.83 -5.45
N VAL D 88 -32.39 -41.74 -5.96
CA VAL D 88 -32.22 -41.88 -7.40
C VAL D 88 -33.54 -42.12 -8.06
N GLN D 89 -33.75 -41.48 -9.20
CA GLN D 89 -34.99 -41.58 -9.95
C GLN D 89 -34.85 -42.54 -11.11
N ALA D 90 -35.97 -43.01 -11.64
CA ALA D 90 -35.95 -43.89 -12.80
C ALA D 90 -35.47 -43.12 -14.04
N GLU D 91 -35.45 -41.80 -13.94
CA GLU D 91 -35.02 -40.94 -15.03
C GLU D 91 -33.52 -40.69 -15.00
N ASP D 92 -32.84 -41.25 -14.00
CA ASP D 92 -31.40 -41.08 -13.86
C ASP D 92 -30.63 -42.26 -14.44
N LEU D 93 -31.33 -43.10 -15.20
CA LEU D 93 -30.72 -44.27 -15.79
C LEU D 93 -29.93 -43.88 -17.01
N ALA D 94 -28.71 -43.48 -16.74
CA ALA D 94 -27.78 -42.94 -17.71
C ALA D 94 -26.39 -43.43 -17.40
N VAL D 95 -25.47 -43.26 -18.34
CA VAL D 95 -24.10 -43.61 -18.05
C VAL D 95 -23.38 -42.36 -17.59
N TYR D 96 -22.75 -42.45 -16.44
CA TYR D 96 -22.08 -41.29 -15.89
C TYR D 96 -20.61 -41.33 -16.19
N TYR D 97 -20.07 -40.19 -16.53
CA TYR D 97 -18.65 -40.09 -16.81
C TYR D 97 -18.02 -39.01 -15.95
N CYS D 98 -16.80 -39.26 -15.47
CA CYS D 98 -15.99 -38.27 -14.79
C CYS D 98 -14.89 -37.84 -15.75
N LYS D 99 -14.53 -36.56 -15.71
CA LYS D 99 -13.50 -35.99 -16.59
C LYS D 99 -12.58 -35.11 -15.81
N GLN D 100 -11.29 -35.31 -16.00
CA GLN D 100 -10.31 -34.48 -15.31
C GLN D 100 -9.72 -33.47 -16.25
N SER D 101 -9.38 -32.32 -15.70
CA SER D 101 -8.80 -31.23 -16.46
C SER D 101 -7.62 -30.60 -15.76
N TYR D 102 -6.79 -31.43 -15.14
CA TYR D 102 -5.63 -30.89 -14.46
C TYR D 102 -4.56 -30.53 -15.47
N ASN D 103 -4.47 -31.30 -16.54
CA ASN D 103 -3.54 -31.05 -17.62
C ASN D 103 -4.17 -31.44 -18.96
N LEU D 104 -3.77 -32.56 -19.52
CA LEU D 104 -4.42 -33.03 -20.74
C LEU D 104 -5.78 -33.58 -20.35
N LEU D 105 -6.83 -33.18 -21.05
CA LEU D 105 -8.18 -33.65 -20.74
C LEU D 105 -8.38 -35.13 -21.01
N SER D 106 -9.06 -35.81 -20.10
CA SER D 106 -9.43 -37.21 -20.33
C SER D 106 -10.65 -37.64 -19.51
N PHE D 107 -11.29 -38.70 -19.96
CA PHE D 107 -12.50 -39.24 -19.34
C PHE D 107 -12.29 -40.60 -18.71
N GLY D 108 -13.16 -40.93 -17.75
CA GLY D 108 -13.18 -42.25 -17.14
C GLY D 108 -13.92 -43.25 -18.04
N ALA D 109 -14.00 -44.49 -17.57
CA ALA D 109 -14.60 -45.58 -18.32
C ALA D 109 -16.10 -45.45 -18.55
N GLY D 110 -16.81 -44.89 -17.58
CA GLY D 110 -18.25 -44.77 -17.64
C GLY D 110 -18.96 -45.76 -16.73
N THR D 111 -19.88 -45.25 -15.91
CA THR D 111 -20.66 -46.08 -14.99
C THR D 111 -22.10 -46.16 -15.43
N LYS D 112 -22.58 -47.36 -15.73
CA LYS D 112 -23.95 -47.51 -16.21
C LYS D 112 -24.90 -47.90 -15.09
N LEU D 113 -26.00 -47.14 -14.95
CA LEU D 113 -27.00 -47.47 -13.94
C LEU D 113 -28.17 -48.20 -14.54
N GLU D 114 -28.55 -49.30 -13.90
CA GLU D 114 -29.71 -50.06 -14.32
C GLU D 114 -30.57 -50.40 -13.11
N LEU D 115 -31.88 -50.51 -13.31
CA LEU D 115 -32.75 -50.81 -12.20
C LEU D 115 -32.68 -52.26 -11.76
N LYS D 116 -32.83 -52.46 -10.46
CA LYS D 116 -32.95 -53.78 -9.89
C LYS D 116 -34.31 -54.35 -10.24
N ALA D 117 -34.37 -55.66 -10.54
CA ALA D 117 -35.62 -56.36 -10.86
C ALA D 117 -35.52 -57.82 -10.43
#